data_7F77
#
_entry.id   7F77
#
_cell.length_a   94.542
_cell.length_b   94.542
_cell.length_c   334.320
_cell.angle_alpha   90.000
_cell.angle_beta   90.000
_cell.angle_gamma   90.000
#
_symmetry.space_group_name_H-M   'P 41 21 2'
#
loop_
_entity.id
_entity.type
_entity.pdbx_description
1 polymer 'Glutamate dehydrogenase'
2 water water
#
_entity_poly.entity_id   1
_entity_poly.type   'polypeptide(L)'
_entity_poly.pdbx_seq_one_letter_code
;MGSSHHHHHHSSGLVPRGSHMVLPHEPEFQQAYDELVSAVEDSTLFKEEPQYKKVIPVVSIPERIIQFRVTWENDKGEIE
VNNGFRVQYNSALGPYKGGLRFHPTVNLSILKFLGFEQIFKNALTGLSMGGGKGGSDFNPKNRSDNEIRRFCVSFMRQLA
RYIGPDTDVPAGDIGVGGREVGFLFGAYKQMRNNWAGVLTGKGLTWGGSLIRPEATGYGCVYYVEKMIEKATNGKETFKG
KRVAISGSGNVAQYAALKVIELGGTVVSLSDSKGSIISKNGITADQVYAIAAAKLKFKSLEEIVADSVQLFSGDHSVEYL
AGVRPWTKVGQVDVALPSATQNEVSGEEAKALVDAGCKFIAEGSNMGSTKEAIEVFEANRDSNGVWYAPGKAANCGGVAV
SGLEMAQNSQRVQWTNEEVDAKLKEIMYTCFENCYKTAQKYSIEKNENGLPSLLKGANIAGFIKVADAMFDQGDVFLEHH
HHHH
;
_entity_poly.pdbx_strand_id   A,B,C
#
# COMPACT_ATOMS: atom_id res chain seq x y z
N LEU A 23 -23.33 14.72 -34.02
CA LEU A 23 -22.59 15.09 -32.82
C LEU A 23 -23.08 16.40 -32.23
N PRO A 24 -23.02 16.51 -30.90
CA PRO A 24 -23.26 17.81 -30.27
C PRO A 24 -22.11 18.76 -30.55
N HIS A 25 -22.38 20.05 -30.41
CA HIS A 25 -21.35 21.05 -30.70
C HIS A 25 -20.31 21.01 -29.58
N GLU A 26 -19.19 20.33 -29.86
CA GLU A 26 -18.07 20.21 -28.94
C GLU A 26 -16.82 20.71 -29.64
N PRO A 27 -16.69 22.02 -29.84
CA PRO A 27 -15.63 22.52 -30.72
C PRO A 27 -14.23 22.31 -30.18
N GLU A 28 -14.00 22.53 -28.88
CA GLU A 28 -12.65 22.35 -28.33
C GLU A 28 -12.22 20.89 -28.35
N PHE A 29 -13.11 19.98 -27.90
CA PHE A 29 -12.78 18.57 -28.00
C PHE A 29 -12.49 18.17 -29.43
N GLN A 30 -13.31 18.64 -30.38
CA GLN A 30 -13.09 18.25 -31.77
C GLN A 30 -11.77 18.79 -32.30
N GLN A 31 -11.40 20.01 -31.89
CA GLN A 31 -10.11 20.56 -32.26
C GLN A 31 -8.97 19.70 -31.74
N ALA A 32 -9.04 19.32 -30.46
CA ALA A 32 -8.00 18.46 -29.89
C ALA A 32 -7.94 17.13 -30.62
N TYR A 33 -9.11 16.53 -30.88
CA TYR A 33 -9.18 15.25 -31.59
C TYR A 33 -8.55 15.36 -32.97
N ASP A 34 -8.89 16.43 -33.71
CA ASP A 34 -8.32 16.62 -35.03
C ASP A 34 -6.82 16.81 -34.96
N GLU A 35 -6.34 17.61 -34.00
CA GLU A 35 -4.90 17.78 -33.83
C GLU A 35 -4.22 16.44 -33.65
N LEU A 36 -4.72 15.63 -32.71
CA LEU A 36 -4.08 14.35 -32.43
C LEU A 36 -4.15 13.42 -33.65
N VAL A 37 -5.32 13.34 -34.28
CA VAL A 37 -5.49 12.43 -35.40
C VAL A 37 -4.56 12.82 -36.54
N SER A 38 -4.59 14.10 -36.95
CA SER A 38 -3.73 14.53 -38.04
C SER A 38 -2.25 14.42 -37.67
N ALA A 39 -1.89 14.59 -36.40
CA ALA A 39 -0.50 14.41 -35.99
C ALA A 39 -0.09 12.95 -36.10
N VAL A 40 -1.01 12.03 -35.84
CA VAL A 40 -0.65 10.61 -35.90
C VAL A 40 -0.65 10.11 -37.35
N GLU A 41 -1.62 10.54 -38.16
CA GLU A 41 -1.71 10.07 -39.54
C GLU A 41 -0.54 10.55 -40.39
N ASP A 42 -0.09 11.80 -40.16
CA ASP A 42 1.04 12.34 -40.91
C ASP A 42 2.36 11.80 -40.38
N SER A 43 2.48 10.48 -40.31
CA SER A 43 3.70 9.83 -39.84
C SER A 43 3.67 8.39 -40.34
N THR A 44 4.78 7.70 -40.18
CA THR A 44 4.88 6.32 -40.62
C THR A 44 4.30 5.34 -39.61
N LEU A 45 3.55 5.85 -38.62
CA LEU A 45 3.08 4.98 -37.54
C LEU A 45 2.10 3.94 -38.05
N PHE A 46 1.06 4.37 -38.77
CA PHE A 46 0.08 3.43 -39.28
C PHE A 46 0.65 2.55 -40.38
N LYS A 47 1.73 2.97 -41.02
CA LYS A 47 2.43 2.09 -41.95
C LYS A 47 3.25 1.06 -41.19
N GLU A 48 3.93 1.49 -40.14
CA GLU A 48 4.79 0.58 -39.38
C GLU A 48 3.98 -0.40 -38.57
N GLU A 49 2.88 0.05 -37.95
CA GLU A 49 1.98 -0.82 -37.21
C GLU A 49 0.54 -0.43 -37.50
N PRO A 50 -0.09 -1.09 -38.48
CA PRO A 50 -1.45 -0.70 -38.87
C PRO A 50 -2.53 -1.08 -37.87
N GLN A 51 -2.23 -1.91 -36.88
CA GLN A 51 -3.24 -2.22 -35.86
C GLN A 51 -3.66 -0.95 -35.12
N TYR A 52 -2.74 -0.01 -34.94
CA TYR A 52 -3.05 1.26 -34.30
C TYR A 52 -4.14 2.02 -35.04
N LYS A 53 -4.41 1.67 -36.30
CA LYS A 53 -5.52 2.28 -37.01
C LYS A 53 -6.84 2.11 -36.27
N LYS A 54 -6.99 1.00 -35.54
CA LYS A 54 -8.26 0.68 -34.88
C LYS A 54 -8.56 1.56 -33.67
N VAL A 55 -7.56 2.18 -33.07
CA VAL A 55 -7.72 2.75 -31.72
C VAL A 55 -8.48 4.07 -31.75
N ILE A 56 -8.23 4.91 -32.76
CA ILE A 56 -8.77 6.28 -32.76
C ILE A 56 -10.26 6.34 -32.47
N PRO A 57 -11.14 5.59 -33.15
CA PRO A 57 -12.58 5.73 -32.88
C PRO A 57 -12.98 5.17 -31.54
N VAL A 58 -12.12 4.40 -30.88
CA VAL A 58 -12.43 3.77 -29.60
C VAL A 58 -12.02 4.71 -28.46
N VAL A 59 -10.75 5.10 -28.46
CA VAL A 59 -10.21 5.91 -27.36
C VAL A 59 -10.93 7.25 -27.28
N SER A 60 -11.36 7.79 -28.43
CA SER A 60 -11.94 9.13 -28.45
C SER A 60 -13.33 9.17 -27.81
N ILE A 61 -13.99 8.04 -27.61
CA ILE A 61 -15.28 7.99 -26.95
C ILE A 61 -15.05 7.71 -25.46
N PRO A 62 -15.49 8.60 -24.57
CA PRO A 62 -15.15 8.43 -23.15
C PRO A 62 -15.74 7.15 -22.59
N GLU A 63 -14.95 6.48 -21.73
CA GLU A 63 -15.44 5.27 -21.09
C GLU A 63 -16.69 5.55 -20.28
N ARG A 64 -16.78 6.74 -19.68
CA ARG A 64 -17.95 7.03 -18.86
C ARG A 64 -18.02 8.52 -18.59
N ILE A 65 -19.23 9.05 -18.64
CA ILE A 65 -19.50 10.43 -18.23
C ILE A 65 -20.68 10.38 -17.27
N ILE A 66 -20.58 11.13 -16.17
CA ILE A 66 -21.63 11.19 -15.16
C ILE A 66 -21.99 12.65 -14.97
N GLN A 67 -23.18 13.04 -15.43
CA GLN A 67 -23.79 14.30 -15.04
C GLN A 67 -24.72 14.07 -13.86
N PHE A 68 -24.78 15.04 -12.96
CA PHE A 68 -25.70 14.94 -11.84
C PHE A 68 -26.10 16.32 -11.36
N ARG A 69 -27.36 16.46 -10.98
CA ARG A 69 -27.81 17.70 -10.35
C ARG A 69 -27.15 17.85 -8.98
N VAL A 70 -26.73 19.06 -8.66
CA VAL A 70 -26.19 19.39 -7.35
C VAL A 70 -27.05 20.51 -6.77
N THR A 71 -27.92 20.18 -5.83
CA THR A 71 -28.77 21.16 -5.15
C THR A 71 -28.15 21.46 -3.79
N TRP A 72 -27.98 22.76 -3.49
CA TRP A 72 -27.41 23.19 -2.24
C TRP A 72 -28.14 24.44 -1.79
N GLU A 73 -27.71 25.03 -0.69
CA GLU A 73 -28.47 26.09 -0.02
C GLU A 73 -27.55 27.26 0.29
N ASN A 74 -27.93 28.45 -0.14
CA ASN A 74 -27.11 29.62 0.15
C ASN A 74 -27.39 30.14 1.57
N ASP A 75 -26.64 31.17 1.98
CA ASP A 75 -26.75 31.70 3.32
C ASP A 75 -28.10 32.33 3.60
N LYS A 76 -28.82 32.76 2.56
CA LYS A 76 -30.19 33.27 2.72
C LYS A 76 -31.22 32.16 2.86
N GLY A 77 -30.80 30.89 2.84
CA GLY A 77 -31.74 29.80 2.88
C GLY A 77 -32.47 29.52 1.58
N GLU A 78 -32.00 30.08 0.47
CA GLU A 78 -32.61 29.84 -0.83
C GLU A 78 -31.92 28.66 -1.52
N ILE A 79 -32.69 27.95 -2.34
CA ILE A 79 -32.18 26.75 -3.01
C ILE A 79 -31.42 27.15 -4.26
N GLU A 80 -30.20 26.65 -4.39
CA GLU A 80 -29.38 26.84 -5.58
C GLU A 80 -29.15 25.49 -6.26
N VAL A 81 -29.08 25.52 -7.58
CA VAL A 81 -28.91 24.29 -8.37
C VAL A 81 -27.76 24.48 -9.35
N ASN A 82 -26.92 23.45 -9.45
CA ASN A 82 -25.80 23.44 -10.38
C ASN A 82 -25.69 22.06 -11.01
N ASN A 83 -24.86 21.95 -12.04
CA ASN A 83 -24.52 20.68 -12.65
C ASN A 83 -23.15 20.23 -12.18
N GLY A 84 -23.03 18.94 -11.89
CA GLY A 84 -21.74 18.33 -11.60
C GLY A 84 -21.44 17.28 -12.64
N PHE A 85 -20.17 17.17 -13.01
CA PHE A 85 -19.72 16.26 -14.05
C PHE A 85 -18.51 15.50 -13.59
N ARG A 86 -18.43 14.25 -14.02
CA ARG A 86 -17.18 13.49 -13.97
C ARG A 86 -17.02 12.78 -15.31
N VAL A 87 -15.99 13.14 -16.06
CA VAL A 87 -15.63 12.48 -17.31
C VAL A 87 -14.47 11.55 -16.98
N GLN A 88 -14.77 10.26 -16.89
CA GLN A 88 -13.76 9.23 -16.75
C GLN A 88 -13.47 8.71 -18.16
N TYR A 89 -12.41 9.23 -18.78
CA TYR A 89 -12.21 9.08 -20.21
C TYR A 89 -11.54 7.77 -20.59
N ASN A 90 -10.39 7.48 -19.98
CA ASN A 90 -9.60 6.31 -20.34
C ASN A 90 -8.85 5.80 -19.12
N SER A 91 -8.95 4.50 -18.88
CA SER A 91 -8.34 3.86 -17.71
C SER A 91 -7.30 2.82 -18.10
N ALA A 92 -6.83 2.84 -19.34
CA ALA A 92 -5.92 1.81 -19.81
C ALA A 92 -4.59 1.86 -19.06
N LEU A 93 -4.08 3.06 -18.81
CA LEU A 93 -2.80 3.21 -18.12
C LEU A 93 -2.92 3.23 -16.61
N GLY A 94 -4.11 3.42 -16.07
CA GLY A 94 -4.30 3.46 -14.64
C GLY A 94 -5.65 4.04 -14.27
N PRO A 95 -5.86 4.25 -12.98
CA PRO A 95 -7.13 4.88 -12.55
C PRO A 95 -7.25 6.26 -13.15
N TYR A 96 -8.49 6.67 -13.41
CA TYR A 96 -8.73 8.01 -13.91
C TYR A 96 -8.09 9.04 -12.99
N LYS A 97 -7.38 9.99 -13.59
CA LYS A 97 -6.66 10.99 -12.82
C LYS A 97 -6.91 12.33 -13.49
N GLY A 98 -7.18 13.35 -12.68
CA GLY A 98 -7.53 14.65 -13.20
C GLY A 98 -8.10 15.52 -12.11
N GLY A 99 -8.26 16.79 -12.46
CA GLY A 99 -8.73 17.75 -11.51
C GLY A 99 -10.23 17.84 -11.44
N LEU A 100 -10.70 18.60 -10.45
CA LEU A 100 -12.06 19.09 -10.37
C LEU A 100 -12.03 20.59 -10.55
N ARG A 101 -12.88 21.12 -11.42
CA ARG A 101 -12.92 22.54 -11.72
C ARG A 101 -14.28 23.10 -11.36
N PHE A 102 -14.31 24.02 -10.40
CA PHE A 102 -15.53 24.72 -10.04
C PHE A 102 -15.45 26.11 -10.67
N HIS A 103 -16.15 26.29 -11.79
CA HIS A 103 -16.10 27.55 -12.53
C HIS A 103 -17.34 27.64 -13.40
N PRO A 104 -17.96 28.81 -13.53
CA PRO A 104 -19.25 28.89 -14.26
C PRO A 104 -19.17 28.48 -15.72
N THR A 105 -17.99 28.50 -16.35
CA THR A 105 -17.84 28.12 -17.74
C THR A 105 -17.86 26.60 -17.94
N VAL A 106 -17.96 25.81 -16.88
CA VAL A 106 -17.76 24.37 -16.97
C VAL A 106 -19.02 23.70 -17.51
N ASN A 107 -18.86 22.90 -18.56
CA ASN A 107 -19.93 22.08 -19.08
C ASN A 107 -19.35 20.76 -19.58
N LEU A 108 -20.22 19.89 -20.10
CA LEU A 108 -19.78 18.58 -20.56
C LEU A 108 -18.77 18.70 -21.69
N SER A 109 -18.96 19.68 -22.58
CA SER A 109 -18.08 19.82 -23.74
C SER A 109 -16.66 20.16 -23.31
N ILE A 110 -16.51 21.16 -22.44
CA ILE A 110 -15.18 21.58 -22.01
C ILE A 110 -14.49 20.46 -21.23
N LEU A 111 -15.23 19.76 -20.38
CA LEU A 111 -14.64 18.67 -19.61
C LEU A 111 -14.31 17.47 -20.49
N LYS A 112 -15.09 17.23 -21.55
CA LYS A 112 -14.69 16.21 -22.53
C LYS A 112 -13.36 16.58 -23.16
N PHE A 113 -13.23 17.84 -23.59
CA PHE A 113 -11.97 18.28 -24.17
C PHE A 113 -10.81 18.10 -23.18
N LEU A 114 -11.03 18.52 -21.93
CA LEU A 114 -9.96 18.45 -20.93
C LEU A 114 -9.60 17.01 -20.59
N GLY A 115 -10.60 16.14 -20.40
CA GLY A 115 -10.29 14.74 -20.10
C GLY A 115 -9.63 14.03 -21.26
N PHE A 116 -10.06 14.33 -22.49
CA PHE A 116 -9.39 13.76 -23.65
C PHE A 116 -7.93 14.16 -23.67
N GLU A 117 -7.64 15.45 -23.48
CA GLU A 117 -6.25 15.86 -23.35
C GLU A 117 -5.58 15.15 -22.17
N GLN A 118 -6.31 14.97 -21.07
CA GLN A 118 -5.73 14.41 -19.85
C GLN A 118 -5.21 13.01 -20.07
N ILE A 119 -5.88 12.22 -20.91
CA ILE A 119 -5.40 10.87 -21.21
C ILE A 119 -3.93 10.90 -21.60
N PHE A 120 -3.61 11.63 -22.66
CA PHE A 120 -2.26 11.66 -23.19
C PHE A 120 -1.33 12.53 -22.36
N LYS A 121 -1.87 13.58 -21.72
CA LYS A 121 -1.07 14.34 -20.78
C LYS A 121 -0.50 13.44 -19.70
N ASN A 122 -1.35 12.63 -19.07
CA ASN A 122 -0.87 11.69 -18.06
C ASN A 122 0.05 10.65 -18.67
N ALA A 123 -0.27 10.18 -19.89
CA ALA A 123 0.59 9.22 -20.57
C ALA A 123 2.02 9.75 -20.71
N LEU A 124 2.17 11.02 -21.04
CA LEU A 124 3.49 11.59 -21.29
C LEU A 124 4.28 11.81 -20.01
N THR A 125 3.61 11.91 -18.86
CA THR A 125 4.33 11.94 -17.60
C THR A 125 5.02 10.61 -17.29
N GLY A 126 4.74 9.57 -18.07
CA GLY A 126 5.31 8.26 -17.79
C GLY A 126 4.75 7.59 -16.56
N LEU A 127 3.70 8.14 -15.97
CA LEU A 127 3.07 7.59 -14.77
C LEU A 127 1.88 6.72 -15.17
N SER A 128 1.56 5.76 -14.30
CA SER A 128 0.41 4.88 -14.52
C SER A 128 -0.85 5.61 -14.05
N MET A 129 -1.29 6.57 -14.87
CA MET A 129 -2.45 7.40 -14.57
C MET A 129 -3.37 7.41 -15.77
N GLY A 130 -4.62 7.01 -15.56
CA GLY A 130 -5.64 7.17 -16.57
C GLY A 130 -6.03 8.63 -16.71
N GLY A 131 -6.97 8.87 -17.61
CA GLY A 131 -7.40 10.22 -17.96
C GLY A 131 -8.80 10.48 -17.42
N GLY A 132 -8.94 11.62 -16.76
CA GLY A 132 -10.26 11.99 -16.27
C GLY A 132 -10.26 13.45 -15.88
N LYS A 133 -11.46 14.00 -15.77
CA LYS A 133 -11.60 15.40 -15.42
C LYS A 133 -13.03 15.62 -14.97
N GLY A 134 -13.22 16.47 -13.96
CA GLY A 134 -14.56 16.69 -13.50
C GLY A 134 -14.74 18.06 -12.89
N GLY A 135 -15.89 18.27 -12.27
CA GLY A 135 -16.13 19.56 -11.67
C GLY A 135 -17.57 20.01 -11.80
N SER A 136 -17.78 21.32 -11.90
CA SER A 136 -19.13 21.87 -11.83
C SER A 136 -19.10 23.31 -12.30
N ASP A 137 -20.24 23.75 -12.83
CA ASP A 137 -20.47 25.13 -13.20
C ASP A 137 -20.74 26.03 -12.00
N PHE A 138 -20.66 25.48 -10.79
CA PHE A 138 -20.75 26.26 -9.56
C PHE A 138 -19.74 27.40 -9.57
N ASN A 139 -20.21 28.59 -9.22
CA ASN A 139 -19.38 29.79 -9.24
C ASN A 139 -18.95 30.12 -7.81
N PRO A 140 -17.71 29.85 -7.42
CA PRO A 140 -17.30 30.13 -6.03
C PRO A 140 -16.98 31.58 -5.78
N LYS A 141 -16.98 32.42 -6.81
CA LYS A 141 -16.68 33.83 -6.64
C LYS A 141 -17.80 34.49 -5.85
N ASN A 142 -17.42 35.35 -4.90
CA ASN A 142 -18.37 36.05 -4.05
C ASN A 142 -19.26 35.07 -3.28
N ARG A 143 -18.64 34.01 -2.74
CA ARG A 143 -19.33 32.98 -1.99
C ARG A 143 -18.73 32.86 -0.60
N SER A 144 -19.60 32.70 0.40
CA SER A 144 -19.13 32.51 1.76
C SER A 144 -18.56 31.10 1.94
N ASP A 145 -17.72 30.95 2.97
CA ASP A 145 -17.18 29.63 3.27
C ASP A 145 -18.28 28.61 3.59
N ASN A 146 -19.37 29.06 4.21
CA ASN A 146 -20.47 28.14 4.49
C ASN A 146 -21.17 27.69 3.21
N GLU A 147 -21.36 28.60 2.26
CA GLU A 147 -21.98 28.22 1.00
C GLU A 147 -21.08 27.27 0.22
N ILE A 148 -19.77 27.55 0.21
CA ILE A 148 -18.83 26.66 -0.45
C ILE A 148 -18.86 25.28 0.20
N ARG A 149 -18.92 25.24 1.53
CA ARG A 149 -18.98 23.98 2.24
C ARG A 149 -20.25 23.22 1.90
N ARG A 150 -21.40 23.91 1.88
CA ARG A 150 -22.66 23.24 1.56
C ARG A 150 -22.64 22.68 0.14
N PHE A 151 -22.12 23.47 -0.81
CA PHE A 151 -22.02 22.97 -2.17
C PHE A 151 -21.07 21.78 -2.26
N CYS A 152 -19.91 21.86 -1.60
CA CYS A 152 -18.98 20.74 -1.62
C CYS A 152 -19.63 19.49 -1.07
N VAL A 153 -20.39 19.63 0.02
CA VAL A 153 -21.09 18.48 0.59
C VAL A 153 -22.06 17.87 -0.43
N SER A 154 -22.91 18.71 -1.04
CA SER A 154 -23.89 18.16 -1.98
C SER A 154 -23.20 17.54 -3.20
N PHE A 155 -22.21 18.23 -3.74
CA PHE A 155 -21.50 17.74 -4.92
C PHE A 155 -20.81 16.41 -4.63
N MET A 156 -20.11 16.33 -3.49
CA MET A 156 -19.42 15.09 -3.16
C MET A 156 -20.39 13.97 -2.83
N ARG A 157 -21.52 14.27 -2.20
CA ARG A 157 -22.52 13.23 -1.97
C ARG A 157 -23.04 12.69 -3.29
N GLN A 158 -23.12 13.54 -4.31
CA GLN A 158 -23.61 13.10 -5.60
C GLN A 158 -22.52 12.41 -6.44
N LEU A 159 -21.25 12.64 -6.12
CA LEU A 159 -20.14 12.12 -6.91
C LEU A 159 -19.48 10.87 -6.33
N ALA A 160 -19.53 10.70 -5.00
CA ALA A 160 -18.70 9.68 -4.35
C ALA A 160 -18.99 8.27 -4.84
N ARG A 161 -20.22 8.00 -5.30
CA ARG A 161 -20.55 6.67 -5.82
C ARG A 161 -19.61 6.22 -6.95
N TYR A 162 -18.92 7.14 -7.62
CA TYR A 162 -18.16 6.83 -8.83
C TYR A 162 -16.68 7.15 -8.71
N ILE A 163 -16.13 7.28 -7.50
CA ILE A 163 -14.71 7.52 -7.32
C ILE A 163 -14.17 6.59 -6.24
N GLY A 164 -12.86 6.67 -6.02
CA GLY A 164 -12.17 5.82 -5.07
C GLY A 164 -10.68 5.85 -5.30
N PRO A 165 -9.91 5.32 -4.34
CA PRO A 165 -8.46 5.32 -4.52
C PRO A 165 -7.99 4.40 -5.63
N ASP A 166 -8.71 3.32 -5.90
CA ASP A 166 -8.39 2.39 -6.98
C ASP A 166 -9.23 2.62 -8.23
N THR A 167 -10.12 3.60 -8.22
CA THR A 167 -11.03 3.86 -9.33
C THR A 167 -10.78 5.22 -9.99
N ASP A 168 -10.84 6.31 -9.23
CA ASP A 168 -10.82 7.65 -9.81
C ASP A 168 -10.31 8.61 -8.75
N VAL A 169 -9.21 9.31 -9.04
CA VAL A 169 -8.61 10.22 -8.08
C VAL A 169 -8.79 11.65 -8.55
N PRO A 170 -9.72 12.40 -7.96
CA PRO A 170 -9.81 13.83 -8.27
C PRO A 170 -8.74 14.62 -7.53
N ALA A 171 -8.40 15.77 -8.10
CA ALA A 171 -7.44 16.67 -7.47
C ALA A 171 -7.98 18.09 -7.59
N GLY A 172 -7.18 19.05 -7.15
CA GLY A 172 -7.59 20.43 -7.15
C GLY A 172 -7.26 21.14 -8.45
N ASP A 173 -8.12 22.09 -8.81
CA ASP A 173 -7.93 22.89 -10.01
C ASP A 173 -8.55 24.28 -9.81
N ILE A 174 -8.96 24.92 -10.90
CA ILE A 174 -9.63 26.21 -10.82
C ILE A 174 -10.91 26.07 -9.99
N GLY A 175 -10.98 26.81 -8.89
CA GLY A 175 -12.14 26.80 -8.03
C GLY A 175 -12.14 25.74 -6.96
N VAL A 176 -11.19 24.80 -7.01
CA VAL A 176 -11.05 23.75 -6.02
C VAL A 176 -9.67 23.89 -5.38
N GLY A 177 -9.64 24.39 -4.15
CA GLY A 177 -8.39 24.54 -3.43
C GLY A 177 -8.36 23.74 -2.14
N GLY A 178 -7.41 24.08 -1.25
CA GLY A 178 -7.32 23.36 0.02
C GLY A 178 -8.62 23.34 0.79
N ARG A 179 -9.33 24.46 0.79
CA ARG A 179 -10.62 24.54 1.48
C ARG A 179 -11.65 23.62 0.82
N GLU A 180 -11.78 23.73 -0.51
CA GLU A 180 -12.72 22.88 -1.22
C GLU A 180 -12.36 21.40 -1.03
N VAL A 181 -11.07 21.07 -1.12
CA VAL A 181 -10.65 19.67 -0.98
C VAL A 181 -10.97 19.18 0.42
N GLY A 182 -10.77 20.03 1.44
CA GLY A 182 -11.10 19.63 2.80
C GLY A 182 -12.57 19.31 2.95
N PHE A 183 -13.43 20.19 2.43
CA PHE A 183 -14.88 19.98 2.53
C PHE A 183 -15.29 18.71 1.78
N LEU A 184 -14.77 18.54 0.56
CA LEU A 184 -15.08 17.35 -0.23
C LEU A 184 -14.63 16.08 0.49
N PHE A 185 -13.42 16.08 1.05
CA PHE A 185 -12.93 14.91 1.75
C PHE A 185 -13.77 14.62 2.99
N GLY A 186 -14.20 15.65 3.72
CA GLY A 186 -15.07 15.40 4.85
C GLY A 186 -16.37 14.74 4.43
N ALA A 187 -16.99 15.26 3.37
CA ALA A 187 -18.22 14.66 2.88
C ALA A 187 -17.98 13.22 2.43
N TYR A 188 -16.91 13.00 1.67
CA TYR A 188 -16.55 11.66 1.22
C TYR A 188 -16.34 10.71 2.39
N LYS A 189 -15.64 11.18 3.42
CA LYS A 189 -15.35 10.34 4.57
C LYS A 189 -16.63 9.98 5.32
N GLN A 190 -17.56 10.93 5.44
CA GLN A 190 -18.83 10.62 6.08
C GLN A 190 -19.65 9.64 5.23
N MET A 191 -19.56 9.75 3.91
CA MET A 191 -20.42 8.93 3.05
C MET A 191 -19.89 7.52 2.88
N ARG A 192 -18.65 7.39 2.41
CA ARG A 192 -18.03 6.10 2.18
C ARG A 192 -17.55 5.44 3.46
N ASN A 193 -17.68 6.11 4.60
CA ASN A 193 -17.34 5.54 5.91
C ASN A 193 -15.90 5.04 5.96
N ILE A 211 3.97 19.70 -3.64
CA ILE A 211 3.44 21.06 -3.74
C ILE A 211 2.95 21.31 -5.16
N ARG A 212 1.82 22.02 -5.29
CA ARG A 212 1.10 22.12 -6.56
C ARG A 212 1.32 23.41 -7.35
N PRO A 213 1.23 24.61 -6.74
CA PRO A 213 1.03 25.83 -7.55
C PRO A 213 2.07 26.06 -8.62
N GLU A 214 3.34 25.72 -8.36
CA GLU A 214 4.39 25.97 -9.32
C GLU A 214 4.60 24.83 -10.30
N ALA A 215 4.00 23.66 -10.06
CA ALA A 215 4.31 22.47 -10.84
C ALA A 215 4.15 22.72 -12.34
N THR A 216 2.99 23.25 -12.75
CA THR A 216 2.69 23.35 -14.18
C THR A 216 3.61 24.35 -14.89
N GLY A 217 3.70 25.58 -14.37
CA GLY A 217 4.53 26.58 -15.02
C GLY A 217 6.01 26.22 -15.00
N TYR A 218 6.51 25.80 -13.84
CA TYR A 218 7.89 25.34 -13.75
C TYR A 218 8.14 24.22 -14.75
N GLY A 219 7.22 23.26 -14.86
CA GLY A 219 7.40 22.17 -15.79
C GLY A 219 7.44 22.61 -17.24
N CYS A 220 6.51 23.51 -17.62
CA CYS A 220 6.52 24.06 -18.97
C CYS A 220 7.86 24.73 -19.27
N VAL A 221 8.36 25.54 -18.33
CA VAL A 221 9.61 26.25 -18.58
C VAL A 221 10.78 25.26 -18.64
N TYR A 222 10.75 24.19 -17.84
CA TYR A 222 11.77 23.16 -17.96
C TYR A 222 11.73 22.49 -19.34
N TYR A 223 10.53 22.24 -19.85
CA TYR A 223 10.39 21.65 -21.18
C TYR A 223 11.00 22.55 -22.23
N VAL A 224 10.72 23.86 -22.14
CA VAL A 224 11.32 24.77 -23.11
C VAL A 224 12.82 24.91 -22.88
N GLU A 225 13.30 24.75 -21.63
CA GLU A 225 14.74 24.68 -21.39
C GLU A 225 15.37 23.58 -22.21
N LYS A 226 14.79 22.38 -22.14
CA LYS A 226 15.33 21.29 -22.95
C LYS A 226 15.18 21.56 -24.44
N MET A 227 14.10 22.25 -24.83
CA MET A 227 13.93 22.64 -26.23
C MET A 227 15.08 23.52 -26.70
N ILE A 228 15.37 24.58 -25.96
CA ILE A 228 16.47 25.48 -26.32
C ILE A 228 17.80 24.72 -26.29
N GLU A 229 18.04 23.98 -25.22
CA GLU A 229 19.27 23.22 -25.07
C GLU A 229 19.49 22.27 -26.24
N LYS A 230 18.44 21.59 -26.70
CA LYS A 230 18.58 20.66 -27.82
C LYS A 230 18.74 21.39 -29.15
N ALA A 231 17.94 22.43 -29.38
CA ALA A 231 17.92 23.12 -30.66
C ALA A 231 19.20 23.92 -30.93
N THR A 232 19.98 24.21 -29.90
CA THR A 232 21.20 25.00 -30.05
C THR A 232 22.44 24.22 -29.60
N ASN A 233 22.33 22.90 -29.49
CA ASN A 233 23.45 22.04 -29.07
C ASN A 233 24.08 22.51 -27.76
N GLY A 234 23.22 22.90 -26.81
CA GLY A 234 23.70 23.29 -25.50
C GLY A 234 24.26 24.69 -25.40
N LYS A 235 24.33 25.44 -26.51
CA LYS A 235 24.97 26.75 -26.47
C LYS A 235 24.10 27.77 -25.75
N GLU A 236 22.79 27.71 -25.95
CA GLU A 236 21.87 28.68 -25.39
C GLU A 236 20.94 28.03 -24.38
N THR A 237 20.49 28.85 -23.43
CA THR A 237 19.47 28.43 -22.46
C THR A 237 18.40 29.52 -22.46
N PHE A 238 17.60 29.56 -21.39
CA PHE A 238 16.65 30.65 -21.23
C PHE A 238 17.34 31.97 -20.94
N LYS A 239 18.63 31.93 -20.56
CA LYS A 239 19.39 33.15 -20.25
C LYS A 239 19.37 34.13 -21.41
N GLY A 240 18.91 35.35 -21.12
CA GLY A 240 18.87 36.40 -22.12
C GLY A 240 17.88 36.14 -23.23
N LYS A 241 16.78 35.46 -22.95
CA LYS A 241 15.71 35.22 -23.91
C LYS A 241 14.53 36.11 -23.58
N ARG A 242 14.02 36.84 -24.57
CA ARG A 242 12.78 37.56 -24.42
C ARG A 242 11.62 36.56 -24.52
N VAL A 243 10.82 36.48 -23.46
CA VAL A 243 9.78 35.46 -23.32
C VAL A 243 8.44 36.16 -23.11
N ALA A 244 7.51 35.94 -24.03
CA ALA A 244 6.19 36.54 -24.00
C ALA A 244 5.19 35.55 -23.43
N ILE A 245 4.61 35.88 -22.28
CA ILE A 245 3.67 35.03 -21.57
C ILE A 245 2.30 35.69 -21.58
N SER A 246 1.26 34.88 -21.77
CA SER A 246 -0.12 35.32 -21.61
C SER A 246 -0.74 34.71 -20.37
N GLY A 247 -1.82 35.31 -19.91
CA GLY A 247 -2.45 34.89 -18.67
C GLY A 247 -1.72 35.40 -17.45
N SER A 248 -2.41 35.35 -16.31
CA SER A 248 -1.82 35.81 -15.07
C SER A 248 -2.17 34.90 -13.90
N GLY A 249 -2.64 33.69 -14.15
CA GLY A 249 -2.95 32.74 -13.10
C GLY A 249 -1.72 31.99 -12.67
N ASN A 250 -1.96 30.89 -11.94
CA ASN A 250 -0.87 30.11 -11.36
C ASN A 250 0.12 29.66 -12.41
N VAL A 251 -0.37 29.08 -13.51
CA VAL A 251 0.51 28.60 -14.58
C VAL A 251 1.43 29.72 -15.06
N ALA A 252 0.83 30.83 -15.50
CA ALA A 252 1.60 31.95 -16.04
C ALA A 252 2.52 32.56 -15.00
N GLN A 253 2.01 32.74 -13.78
CA GLN A 253 2.81 33.31 -12.70
C GLN A 253 4.10 32.53 -12.49
N TYR A 254 3.98 31.22 -12.24
CA TYR A 254 5.19 30.47 -11.90
C TYR A 254 6.06 30.23 -13.14
N ALA A 255 5.46 30.18 -14.33
CA ALA A 255 6.27 30.14 -15.54
C ALA A 255 7.15 31.39 -15.65
N ALA A 256 6.56 32.56 -15.42
CA ALA A 256 7.32 33.80 -15.43
C ALA A 256 8.39 33.80 -14.35
N LEU A 257 8.05 33.32 -13.16
CA LEU A 257 9.03 33.26 -12.08
C LEU A 257 10.22 32.38 -12.45
N LYS A 258 9.95 31.24 -13.09
CA LYS A 258 11.03 30.35 -13.49
C LYS A 258 11.83 30.94 -14.65
N VAL A 259 11.18 31.67 -15.56
CA VAL A 259 11.92 32.36 -16.61
C VAL A 259 12.89 33.36 -16.00
N ILE A 260 12.42 34.12 -15.01
CA ILE A 260 13.30 35.04 -14.29
C ILE A 260 14.47 34.29 -13.67
N GLU A 261 14.17 33.24 -12.91
CA GLU A 261 15.21 32.50 -12.19
C GLU A 261 16.32 32.02 -13.12
N LEU A 262 15.95 31.63 -14.34
CA LEU A 262 16.92 31.09 -15.30
C LEU A 262 17.58 32.17 -16.14
N GLY A 263 17.27 33.44 -15.89
CA GLY A 263 17.93 34.55 -16.55
C GLY A 263 17.23 35.13 -17.75
N GLY A 264 15.96 34.77 -17.99
CA GLY A 264 15.21 35.39 -19.06
C GLY A 264 14.52 36.66 -18.60
N THR A 265 13.90 37.34 -19.55
CA THR A 265 13.18 38.59 -19.27
C THR A 265 11.73 38.41 -19.70
N VAL A 266 10.82 38.42 -18.73
CA VAL A 266 9.40 38.19 -18.99
C VAL A 266 8.82 39.50 -19.51
N VAL A 267 8.48 39.54 -20.80
CA VAL A 267 8.10 40.79 -21.43
C VAL A 267 6.60 41.05 -21.40
N SER A 268 5.79 40.08 -20.98
CA SER A 268 4.35 40.31 -21.01
C SER A 268 3.63 39.40 -20.04
N LEU A 269 2.46 39.86 -19.60
CA LEU A 269 1.42 39.03 -19.00
C LEU A 269 0.08 39.55 -19.52
N SER A 270 -1.01 38.87 -19.18
CA SER A 270 -2.31 39.32 -19.68
C SER A 270 -3.41 38.70 -18.83
N ASP A 271 -4.65 39.06 -19.17
CA ASP A 271 -5.84 38.46 -18.58
C ASP A 271 -6.98 38.62 -19.58
N SER A 272 -8.21 38.40 -19.09
CA SER A 272 -9.36 38.44 -19.98
C SER A 272 -9.62 39.81 -20.57
N LYS A 273 -9.03 40.87 -20.01
CA LYS A 273 -9.35 42.22 -20.41
C LYS A 273 -8.23 42.96 -21.11
N GLY A 274 -6.98 42.63 -20.85
CA GLY A 274 -5.90 43.30 -21.54
C GLY A 274 -4.57 42.62 -21.26
N SER A 275 -3.53 43.16 -21.89
CA SER A 275 -2.16 42.69 -21.73
C SER A 275 -1.33 43.76 -21.05
N ILE A 276 -0.20 43.35 -20.49
CA ILE A 276 0.81 44.26 -19.96
C ILE A 276 2.16 43.86 -20.55
N ILE A 277 2.91 44.88 -21.00
CA ILE A 277 4.19 44.67 -21.66
C ILE A 277 5.25 45.49 -20.92
N SER A 278 6.42 44.90 -20.76
CA SER A 278 7.59 45.57 -20.19
C SER A 278 8.79 45.35 -21.09
N LYS A 279 9.84 46.15 -20.87
CA LYS A 279 11.04 46.10 -21.69
C LYS A 279 12.25 45.53 -20.97
N ASN A 280 12.35 45.72 -19.66
CA ASN A 280 13.41 45.10 -18.88
C ASN A 280 13.04 43.72 -18.37
N GLY A 281 11.77 43.35 -18.45
CA GLY A 281 11.33 42.11 -17.87
C GLY A 281 10.54 42.37 -16.60
N ILE A 282 9.45 41.62 -16.43
CA ILE A 282 8.63 41.76 -15.23
C ILE A 282 9.37 41.12 -14.07
N THR A 283 9.32 41.77 -12.92
CA THR A 283 10.08 41.35 -11.75
C THR A 283 9.28 40.36 -10.90
N ALA A 284 9.99 39.65 -10.03
CA ALA A 284 9.35 38.66 -9.18
C ALA A 284 8.33 39.33 -8.25
N ASP A 285 8.66 40.52 -7.74
CA ASP A 285 7.72 41.22 -6.87
C ASP A 285 6.43 41.55 -7.62
N GLN A 286 6.55 41.95 -8.88
CA GLN A 286 5.36 42.23 -9.69
C GLN A 286 4.52 40.98 -9.89
N VAL A 287 5.17 39.82 -10.10
CA VAL A 287 4.42 38.57 -10.27
C VAL A 287 3.68 38.20 -8.98
N TYR A 288 4.36 38.32 -7.83
CA TYR A 288 3.70 38.01 -6.57
C TYR A 288 2.56 38.98 -6.27
N ALA A 289 2.73 40.26 -6.64
CA ALA A 289 1.65 41.23 -6.49
C ALA A 289 0.45 40.84 -7.35
N ILE A 290 0.71 40.48 -8.61
CA ILE A 290 -0.37 40.08 -9.50
C ILE A 290 -1.06 38.83 -8.98
N ALA A 291 -0.30 37.91 -8.39
CA ALA A 291 -0.90 36.72 -7.80
C ALA A 291 -1.82 37.07 -6.64
N ALA A 292 -1.32 37.88 -5.70
CA ALA A 292 -2.12 38.28 -4.55
C ALA A 292 -3.38 39.01 -4.99
N ALA A 293 -3.27 39.86 -6.02
CA ALA A 293 -4.43 40.64 -6.45
C ALA A 293 -5.41 39.77 -7.24
N LYS A 294 -4.90 38.84 -8.04
CA LYS A 294 -5.76 37.94 -8.80
C LYS A 294 -6.51 36.98 -7.89
N LEU A 295 -5.98 36.73 -6.68
CA LEU A 295 -6.77 36.04 -5.68
C LEU A 295 -8.03 36.81 -5.31
N LYS A 296 -8.02 38.14 -5.46
CA LYS A 296 -9.19 38.98 -5.28
C LYS A 296 -9.95 39.27 -6.58
N PHE A 297 -9.56 38.63 -7.69
CA PHE A 297 -10.21 38.81 -8.99
C PHE A 297 -10.12 40.26 -9.46
N LYS A 298 -8.89 40.74 -9.58
CA LYS A 298 -8.62 42.13 -9.95
C LYS A 298 -8.03 42.19 -11.35
N SER A 299 -8.56 43.11 -12.17
CA SER A 299 -8.05 43.29 -13.51
C SER A 299 -6.62 43.80 -13.47
N LEU A 300 -5.85 43.48 -14.52
CA LEU A 300 -4.48 43.98 -14.59
C LEU A 300 -4.43 45.50 -14.63
N GLU A 301 -5.41 46.13 -15.27
CA GLU A 301 -5.55 47.58 -15.18
C GLU A 301 -5.74 48.01 -13.73
N GLU A 302 -6.62 47.32 -13.01
CA GLU A 302 -6.85 47.64 -11.60
C GLU A 302 -5.58 47.47 -10.78
N ILE A 303 -4.78 46.44 -11.08
CA ILE A 303 -3.62 46.18 -10.24
C ILE A 303 -2.46 47.12 -10.59
N VAL A 304 -2.36 47.57 -11.83
CA VAL A 304 -1.35 48.59 -12.13
C VAL A 304 -1.79 49.96 -11.65
N ALA A 305 -3.09 50.15 -11.39
CA ALA A 305 -3.54 51.37 -10.75
C ALA A 305 -3.31 51.33 -9.24
N ASP A 306 -3.54 50.18 -8.60
CA ASP A 306 -3.47 50.09 -7.14
C ASP A 306 -2.03 50.19 -6.63
N SER A 307 -1.05 49.73 -7.40
CA SER A 307 0.35 49.69 -6.99
C SER A 307 1.17 50.55 -7.95
N VAL A 308 1.00 51.87 -7.85
CA VAL A 308 1.65 52.77 -8.80
C VAL A 308 3.17 52.69 -8.67
N GLN A 309 3.68 52.68 -7.44
CA GLN A 309 5.13 52.73 -7.22
C GLN A 309 5.84 51.49 -7.76
N LEU A 310 5.19 50.32 -7.65
CA LEU A 310 5.85 49.06 -8.02
C LEU A 310 5.95 48.90 -9.54
N PHE A 311 5.07 49.53 -10.30
CA PHE A 311 4.95 49.30 -11.74
C PHE A 311 5.35 50.52 -12.57
N SER A 312 6.12 51.45 -11.99
CA SER A 312 6.45 52.68 -12.70
C SER A 312 7.93 53.03 -12.72
N GLY A 313 8.78 52.40 -11.90
CA GLY A 313 10.18 52.73 -11.86
C GLY A 313 10.99 52.28 -13.07
N ASP A 314 12.19 51.74 -12.83
CA ASP A 314 12.94 51.09 -13.90
C ASP A 314 12.12 50.01 -14.57
N HIS A 315 11.26 49.35 -13.80
CA HIS A 315 10.46 48.21 -14.27
C HIS A 315 9.04 48.63 -14.58
N SER A 316 8.89 49.76 -15.29
CA SER A 316 7.58 50.24 -15.69
C SER A 316 6.97 49.31 -16.74
N VAL A 317 5.65 49.38 -16.86
CA VAL A 317 4.89 48.51 -17.75
C VAL A 317 3.80 49.33 -18.41
N GLU A 318 3.47 48.97 -19.65
CA GLU A 318 2.37 49.60 -20.38
C GLU A 318 1.25 48.58 -20.50
N TYR A 319 0.03 49.01 -20.13
CA TYR A 319 -1.15 48.17 -20.19
C TYR A 319 -1.92 48.50 -21.47
N LEU A 320 -2.17 47.47 -22.28
CA LEU A 320 -2.94 47.59 -23.51
C LEU A 320 -4.26 46.84 -23.31
N ALA A 321 -5.36 47.57 -23.21
CA ALA A 321 -6.65 46.95 -22.97
C ALA A 321 -7.17 46.24 -24.21
N GLY A 322 -7.84 45.11 -24.00
CA GLY A 322 -8.50 44.40 -25.09
C GLY A 322 -7.56 43.88 -26.15
N VAL A 323 -6.31 43.61 -25.80
CA VAL A 323 -5.29 43.20 -26.78
C VAL A 323 -4.47 42.06 -26.19
N ARG A 324 -4.11 41.08 -27.04
CA ARG A 324 -3.18 40.02 -26.71
C ARG A 324 -1.73 40.49 -26.90
N PRO A 325 -0.80 40.01 -26.06
CA PRO A 325 0.55 40.58 -26.07
C PRO A 325 1.41 40.15 -27.26
N TRP A 326 0.99 39.15 -28.04
CA TRP A 326 1.89 38.55 -29.03
C TRP A 326 2.41 39.58 -30.02
N THR A 327 1.54 40.46 -30.51
CA THR A 327 1.95 41.47 -31.46
C THR A 327 2.56 42.70 -30.80
N LYS A 328 2.37 42.87 -29.49
CA LYS A 328 2.66 44.12 -28.81
C LYS A 328 3.93 44.05 -27.95
N VAL A 329 4.81 43.09 -28.21
CA VAL A 329 6.02 42.89 -27.43
C VAL A 329 7.29 43.03 -28.26
N GLY A 330 7.16 43.34 -29.55
CA GLY A 330 8.30 43.48 -30.42
C GLY A 330 9.03 42.17 -30.61
N GLN A 331 10.34 42.27 -30.83
CA GLN A 331 11.16 41.09 -31.01
C GLN A 331 11.09 40.23 -29.76
N VAL A 332 10.78 38.95 -29.94
CA VAL A 332 10.60 38.03 -28.82
C VAL A 332 11.13 36.65 -29.24
N ASP A 333 11.73 35.94 -28.29
CA ASP A 333 12.35 34.65 -28.55
C ASP A 333 11.44 33.47 -28.23
N VAL A 334 10.77 33.49 -27.09
CA VAL A 334 9.94 32.38 -26.64
C VAL A 334 8.53 32.91 -26.42
N ALA A 335 7.53 32.09 -26.72
CA ALA A 335 6.13 32.43 -26.48
C ALA A 335 5.50 31.32 -25.67
N LEU A 336 4.88 31.69 -24.54
CA LEU A 336 4.24 30.73 -23.63
C LEU A 336 2.81 31.14 -23.37
N PRO A 337 1.88 30.75 -24.24
CA PRO A 337 0.45 30.98 -23.96
C PRO A 337 0.00 30.13 -22.78
N SER A 338 -0.39 30.79 -21.69
CA SER A 338 -0.69 30.09 -20.44
C SER A 338 -1.97 30.63 -19.84
N ALA A 339 -2.96 30.94 -20.68
CA ALA A 339 -4.21 31.52 -20.23
C ALA A 339 -5.41 30.63 -20.55
N THR A 340 -5.70 30.41 -21.81
CA THR A 340 -6.87 29.65 -22.22
C THR A 340 -6.59 29.01 -23.56
N GLN A 341 -7.55 28.24 -24.05
CA GLN A 341 -7.42 27.60 -25.35
C GLN A 341 -7.69 28.61 -26.46
N ASN A 342 -7.07 28.36 -27.61
CA ASN A 342 -7.25 29.18 -28.80
C ASN A 342 -6.99 30.65 -28.51
N GLU A 343 -5.80 30.92 -27.97
CA GLU A 343 -5.38 32.27 -27.66
C GLU A 343 -4.21 32.73 -28.51
N VAL A 344 -3.90 32.01 -29.59
CA VAL A 344 -2.87 32.40 -30.56
C VAL A 344 -3.48 32.22 -31.95
N SER A 345 -3.84 33.33 -32.59
CA SER A 345 -4.40 33.23 -33.93
C SER A 345 -3.27 33.03 -34.94
N GLY A 346 -3.65 32.64 -36.16
CA GLY A 346 -2.68 32.51 -37.23
C GLY A 346 -1.96 33.82 -37.51
N GLU A 347 -2.70 34.93 -37.50
CA GLU A 347 -2.09 36.25 -37.60
C GLU A 347 -1.05 36.45 -36.51
N GLU A 348 -1.42 36.16 -35.26
CA GLU A 348 -0.47 36.33 -34.16
C GLU A 348 0.68 35.34 -34.25
N ALA A 349 0.43 34.15 -34.80
CA ALA A 349 1.51 33.19 -35.00
C ALA A 349 2.55 33.72 -35.99
N LYS A 350 2.08 34.22 -37.13
CA LYS A 350 2.99 34.84 -38.09
C LYS A 350 3.68 36.06 -37.51
N ALA A 351 2.95 36.86 -36.72
CA ALA A 351 3.55 38.00 -36.05
C ALA A 351 4.70 37.57 -35.14
N LEU A 352 4.49 36.49 -34.38
CA LEU A 352 5.54 35.98 -33.52
C LEU A 352 6.74 35.51 -34.34
N VAL A 353 6.48 34.77 -35.41
CA VAL A 353 7.58 34.27 -36.26
C VAL A 353 8.38 35.44 -36.81
N ASP A 354 7.68 36.46 -37.33
CA ASP A 354 8.34 37.65 -37.84
C ASP A 354 9.08 38.40 -36.73
N ALA A 355 8.61 38.29 -35.50
CA ALA A 355 9.31 38.87 -34.37
C ALA A 355 10.49 38.03 -33.89
N GLY A 356 10.83 36.96 -34.62
CA GLY A 356 11.97 36.14 -34.26
C GLY A 356 11.69 35.09 -33.21
N CYS A 357 10.43 34.75 -32.98
CA CYS A 357 10.10 33.72 -32.00
C CYS A 357 10.53 32.36 -32.52
N LYS A 358 11.34 31.66 -31.75
CA LYS A 358 11.85 30.36 -32.14
C LYS A 358 11.41 29.24 -31.21
N PHE A 359 10.68 29.54 -30.13
CA PHE A 359 10.16 28.51 -29.25
C PHE A 359 8.77 28.90 -28.77
N ILE A 360 7.81 27.99 -28.93
CA ILE A 360 6.46 28.16 -28.43
C ILE A 360 6.02 26.86 -27.76
N ALA A 361 5.52 26.96 -26.54
CA ALA A 361 5.02 25.82 -25.79
C ALA A 361 3.81 26.26 -24.98
N GLU A 362 2.79 25.41 -24.94
CA GLU A 362 1.51 25.79 -24.35
C GLU A 362 1.52 25.55 -22.84
N GLY A 363 1.33 26.62 -22.07
CA GLY A 363 1.10 26.47 -20.65
C GLY A 363 -0.35 26.15 -20.39
N SER A 364 -1.25 26.82 -21.10
CA SER A 364 -2.66 26.50 -21.03
C SER A 364 -2.97 25.32 -21.94
N ASN A 365 -4.12 24.69 -21.70
CA ASN A 365 -4.52 23.56 -22.51
C ASN A 365 -4.94 24.02 -23.90
N MET A 366 -4.19 23.58 -24.91
CA MET A 366 -4.49 23.85 -26.32
C MET A 366 -4.56 25.35 -26.58
N GLY A 367 -3.51 26.05 -26.16
CA GLY A 367 -3.46 27.51 -26.29
C GLY A 367 -3.37 27.99 -27.72
N SER A 368 -2.87 27.17 -28.63
CA SER A 368 -2.62 27.57 -30.01
C SER A 368 -3.76 27.10 -30.91
N THR A 369 -4.25 28.00 -31.75
CA THR A 369 -5.26 27.65 -32.74
C THR A 369 -4.65 26.77 -33.83
N LYS A 370 -5.53 26.10 -34.58
CA LYS A 370 -5.07 25.25 -35.67
C LYS A 370 -4.25 26.03 -36.67
N GLU A 371 -4.65 27.27 -36.97
CA GLU A 371 -3.91 28.12 -37.90
C GLU A 371 -2.55 28.49 -37.32
N ALA A 372 -2.51 28.83 -36.03
CA ALA A 372 -1.25 29.12 -35.37
C ALA A 372 -0.30 27.93 -35.43
N ILE A 373 -0.82 26.72 -35.20
CA ILE A 373 0.01 25.53 -35.23
C ILE A 373 0.51 25.27 -36.64
N GLU A 374 -0.35 25.47 -37.64
CA GLU A 374 0.06 25.35 -39.03
C GLU A 374 1.20 26.31 -39.34
N VAL A 375 1.08 27.57 -38.89
CA VAL A 375 2.14 28.55 -39.09
C VAL A 375 3.44 28.08 -38.44
N PHE A 376 3.38 27.72 -37.16
CA PHE A 376 4.57 27.31 -36.42
C PHE A 376 5.26 26.12 -37.08
N GLU A 377 4.47 25.10 -37.46
CA GLU A 377 5.06 23.90 -38.05
C GLU A 377 5.63 24.17 -39.43
N ALA A 378 5.00 25.09 -40.18
CA ALA A 378 5.51 25.42 -41.51
C ALA A 378 6.91 26.04 -41.42
N ASN A 379 7.15 26.85 -40.39
CA ASN A 379 8.43 27.50 -40.19
C ASN A 379 9.41 26.68 -39.37
N ARG A 380 9.11 25.40 -39.12
CA ARG A 380 9.99 24.59 -38.30
C ARG A 380 11.28 24.24 -39.04
N ASP A 381 11.17 23.61 -40.21
CA ASP A 381 12.36 23.15 -40.90
C ASP A 381 13.18 24.30 -41.48
N SER A 382 12.53 25.42 -41.81
CA SER A 382 13.22 26.53 -42.45
C SER A 382 13.72 27.56 -41.43
N ASN A 383 12.83 28.10 -40.61
CA ASN A 383 13.17 29.16 -39.68
C ASN A 383 13.50 28.63 -38.29
N GLY A 384 13.49 27.32 -38.09
CA GLY A 384 13.80 26.74 -36.79
C GLY A 384 12.79 27.10 -35.71
N VAL A 385 11.54 27.35 -36.09
CA VAL A 385 10.51 27.70 -35.13
C VAL A 385 9.90 26.42 -34.59
N TRP A 386 10.04 26.19 -33.29
CA TRP A 386 9.71 24.92 -32.66
C TRP A 386 8.51 25.10 -31.75
N TYR A 387 7.42 24.38 -32.05
CA TYR A 387 6.19 24.43 -31.27
C TYR A 387 6.00 23.12 -30.51
N ALA A 388 5.59 23.24 -29.25
CA ALA A 388 5.31 22.10 -28.39
C ALA A 388 3.89 22.18 -27.87
N PRO A 389 3.09 21.14 -28.04
CA PRO A 389 1.69 21.20 -27.60
C PRO A 389 1.56 21.13 -26.09
N GLY A 390 0.40 21.58 -25.60
CA GLY A 390 0.16 21.58 -24.17
C GLY A 390 0.26 20.21 -23.53
N LYS A 391 -0.25 19.19 -24.22
CA LYS A 391 -0.31 17.85 -23.63
C LYS A 391 1.07 17.34 -23.22
N ALA A 392 2.14 17.93 -23.73
CA ALA A 392 3.50 17.63 -23.30
C ALA A 392 4.08 18.69 -22.38
N ALA A 393 3.82 19.97 -22.65
CA ALA A 393 4.46 21.05 -21.90
C ALA A 393 3.82 21.24 -20.53
N ASN A 394 2.49 21.24 -20.45
CA ASN A 394 1.80 21.58 -19.20
C ASN A 394 1.47 20.35 -18.35
N CYS A 395 2.05 19.20 -18.63
CA CYS A 395 1.79 17.99 -17.85
C CYS A 395 2.51 17.98 -16.52
N GLY A 396 3.28 19.03 -16.18
CA GLY A 396 4.00 19.05 -14.92
C GLY A 396 3.09 18.96 -13.70
N GLY A 397 1.98 19.70 -13.72
CA GLY A 397 1.06 19.68 -12.60
C GLY A 397 0.52 18.29 -12.31
N VAL A 398 -0.01 17.63 -13.33
CA VAL A 398 -0.56 16.29 -13.13
C VAL A 398 0.55 15.29 -12.84
N ALA A 399 1.76 15.52 -13.35
CA ALA A 399 2.87 14.63 -13.01
C ALA A 399 3.20 14.71 -11.52
N VAL A 400 3.26 15.94 -11.00
CA VAL A 400 3.50 16.13 -9.57
C VAL A 400 2.35 15.56 -8.75
N SER A 401 1.12 15.67 -9.26
CA SER A 401 -0.01 15.03 -8.59
C SER A 401 0.15 13.51 -8.57
N GLY A 402 0.70 12.94 -9.63
CA GLY A 402 0.94 11.50 -9.64
C GLY A 402 2.01 11.10 -8.64
N LEU A 403 3.03 11.95 -8.47
CA LEU A 403 4.02 11.72 -7.43
C LEU A 403 3.40 11.92 -6.05
N GLU A 404 2.34 12.75 -5.99
CA GLU A 404 1.54 12.91 -4.77
C GLU A 404 0.82 11.61 -4.43
N MET A 405 0.32 10.90 -5.44
CA MET A 405 -0.29 9.59 -5.20
C MET A 405 0.72 8.61 -4.61
N ALA A 406 1.97 8.66 -5.07
CA ALA A 406 3.00 7.74 -4.60
C ALA A 406 3.34 8.00 -3.14
N TRP A 414 7.74 14.48 0.77
CA TRP A 414 9.05 14.82 0.21
C TRP A 414 9.31 16.32 0.35
N THR A 415 10.57 16.72 0.15
CA THR A 415 10.92 18.12 0.28
C THR A 415 10.62 18.86 -1.03
N ASN A 416 10.63 20.19 -0.95
CA ASN A 416 10.42 20.99 -2.14
C ASN A 416 11.50 20.75 -3.19
N GLU A 417 12.76 20.66 -2.75
CA GLU A 417 13.86 20.46 -3.69
C GLU A 417 13.75 19.10 -4.39
N GLU A 418 13.43 18.05 -3.63
CA GLU A 418 13.30 16.72 -4.22
C GLU A 418 12.19 16.68 -5.25
N VAL A 419 11.04 17.27 -4.92
CA VAL A 419 9.91 17.28 -5.85
C VAL A 419 10.25 18.10 -7.09
N ASP A 420 10.92 19.25 -6.89
CA ASP A 420 11.32 20.05 -8.04
C ASP A 420 12.27 19.27 -8.95
N ALA A 421 13.19 18.51 -8.36
CA ALA A 421 14.10 17.69 -9.16
C ALA A 421 13.35 16.61 -9.91
N LYS A 422 12.39 15.97 -9.25
CA LYS A 422 11.63 14.90 -9.90
C LYS A 422 10.75 15.44 -11.02
N LEU A 423 10.18 16.63 -10.83
CA LEU A 423 9.44 17.29 -11.91
C LEU A 423 10.36 17.65 -13.07
N LYS A 424 11.55 18.18 -12.75
CA LYS A 424 12.57 18.48 -13.75
C LYS A 424 12.87 17.23 -14.58
N GLU A 425 13.09 16.10 -13.90
CA GLU A 425 13.37 14.85 -14.59
C GLU A 425 12.21 14.40 -15.46
N ILE A 426 10.99 14.53 -14.95
CA ILE A 426 9.83 14.08 -15.71
C ILE A 426 9.67 14.91 -16.98
N MET A 427 9.83 16.22 -16.88
CA MET A 427 9.71 17.07 -18.07
C MET A 427 10.85 16.80 -19.05
N TYR A 428 12.06 16.55 -18.55
CA TYR A 428 13.16 16.23 -19.45
C TYR A 428 12.90 14.93 -20.20
N THR A 429 12.43 13.90 -19.49
CA THR A 429 12.09 12.65 -20.14
C THR A 429 10.95 12.83 -21.13
N CYS A 430 9.96 13.66 -20.78
CA CYS A 430 8.87 13.94 -21.71
C CYS A 430 9.36 14.58 -23.00
N PHE A 431 10.28 15.55 -22.88
CA PHE A 431 10.84 16.17 -24.07
C PHE A 431 11.60 15.15 -24.91
N GLU A 432 12.49 14.38 -24.27
CA GLU A 432 13.25 13.38 -25.01
C GLU A 432 12.32 12.41 -25.71
N ASN A 433 11.21 12.05 -25.06
CA ASN A 433 10.26 11.12 -25.66
C ASN A 433 9.60 11.73 -26.89
N CYS A 434 9.11 12.97 -26.78
CA CYS A 434 8.52 13.63 -27.94
C CYS A 434 9.50 13.69 -29.10
N TYR A 435 10.73 14.10 -28.81
CA TYR A 435 11.76 14.25 -29.84
C TYR A 435 12.06 12.92 -30.52
N LYS A 436 12.46 11.92 -29.72
CA LYS A 436 12.86 10.63 -30.29
C LYS A 436 11.70 9.97 -31.02
N THR A 437 10.47 10.11 -30.51
CA THR A 437 9.34 9.48 -31.17
C THR A 437 9.02 10.18 -32.49
N ALA A 438 9.05 11.52 -32.51
CA ALA A 438 8.85 12.23 -33.77
C ALA A 438 9.89 11.82 -34.80
N GLN A 439 11.14 11.65 -34.38
CA GLN A 439 12.18 11.20 -35.30
C GLN A 439 11.89 9.80 -35.81
N LYS A 440 11.50 8.89 -34.90
CA LYS A 440 11.28 7.51 -35.25
C LYS A 440 10.18 7.36 -36.30
N TYR A 441 9.16 8.21 -36.25
CA TYR A 441 8.02 8.10 -37.14
C TYR A 441 7.92 9.27 -38.12
N SER A 442 9.03 9.96 -38.35
CA SER A 442 9.02 11.09 -39.27
C SER A 442 8.82 10.57 -40.69
N ILE A 443 7.79 11.09 -41.36
CA ILE A 443 7.54 10.70 -42.75
C ILE A 443 8.68 11.16 -43.65
N GLU A 444 9.25 12.34 -43.36
CA GLU A 444 10.31 12.90 -44.17
C GLU A 444 11.65 12.17 -43.99
N LYS A 445 11.61 10.88 -43.70
CA LYS A 445 12.81 10.01 -43.66
C LYS A 445 13.80 10.62 -42.67
N ASN A 446 15.10 10.56 -42.96
CA ASN A 446 16.12 11.21 -42.15
C ASN A 446 16.11 12.73 -42.40
N GLU A 447 15.05 13.36 -41.89
CA GLU A 447 14.84 14.80 -42.03
C GLU A 447 15.69 15.50 -40.99
N ASN A 448 16.93 15.83 -41.36
CA ASN A 448 17.85 16.46 -40.41
C ASN A 448 17.58 17.97 -40.38
N GLY A 449 16.49 18.31 -39.70
CA GLY A 449 16.19 19.67 -39.31
C GLY A 449 15.66 19.67 -37.89
N LEU A 450 14.54 20.33 -37.66
CA LEU A 450 13.98 20.03 -36.34
C LEU A 450 12.81 19.06 -36.47
N PRO A 451 12.71 18.05 -35.61
CA PRO A 451 11.56 17.15 -35.67
C PRO A 451 10.33 17.79 -35.03
N SER A 452 9.16 17.33 -35.46
CA SER A 452 7.90 17.94 -35.03
C SER A 452 7.59 17.48 -33.62
N LEU A 453 7.60 18.42 -32.66
CA LEU A 453 7.25 18.06 -31.29
C LEU A 453 5.75 17.82 -31.14
N LEU A 454 4.93 18.47 -31.95
CA LEU A 454 3.49 18.19 -31.93
C LEU A 454 3.23 16.71 -32.22
N LYS A 455 3.67 16.26 -33.39
CA LYS A 455 3.52 14.85 -33.76
C LYS A 455 4.18 13.97 -32.71
N GLY A 456 5.32 14.39 -32.18
CA GLY A 456 6.01 13.63 -31.15
C GLY A 456 5.16 13.34 -29.93
N ALA A 457 4.64 14.39 -29.30
CA ALA A 457 3.84 14.24 -28.10
C ALA A 457 2.57 13.44 -28.38
N ASN A 458 1.87 13.79 -29.47
CA ASN A 458 0.63 13.10 -29.79
C ASN A 458 0.89 11.61 -29.98
N ILE A 459 1.91 11.27 -30.77
CA ILE A 459 2.19 9.87 -31.08
C ILE A 459 2.68 9.11 -29.85
N ALA A 460 3.47 9.76 -29.00
CA ALA A 460 3.98 9.06 -27.81
C ALA A 460 2.84 8.70 -26.87
N GLY A 461 2.01 9.68 -26.51
CA GLY A 461 0.86 9.38 -25.68
C GLY A 461 -0.06 8.35 -26.32
N PHE A 462 -0.33 8.52 -27.62
CA PHE A 462 -1.20 7.58 -28.33
C PHE A 462 -0.63 6.17 -28.28
N ILE A 463 0.66 6.00 -28.50
CA ILE A 463 1.25 4.67 -28.55
C ILE A 463 1.14 4.00 -27.19
N LYS A 464 1.45 4.73 -26.12
CA LYS A 464 1.36 4.10 -24.81
C LYS A 464 -0.08 3.68 -24.50
N VAL A 465 -1.03 4.60 -24.71
CA VAL A 465 -2.43 4.29 -24.45
C VAL A 465 -2.91 3.11 -25.29
N ALA A 466 -2.53 3.09 -26.57
CA ALA A 466 -3.03 2.06 -27.47
C ALA A 466 -2.44 0.70 -27.14
N ASP A 467 -1.17 0.65 -26.76
CA ASP A 467 -0.59 -0.62 -26.32
C ASP A 467 -1.31 -1.13 -25.07
N ALA A 468 -1.59 -0.22 -24.13
CA ALA A 468 -2.37 -0.61 -22.96
C ALA A 468 -3.73 -1.18 -23.36
N MET A 469 -4.43 -0.49 -24.26
CA MET A 469 -5.78 -0.92 -24.64
C MET A 469 -5.76 -2.26 -25.37
N PHE A 470 -4.73 -2.50 -26.19
CA PHE A 470 -4.63 -3.78 -26.86
C PHE A 470 -4.35 -4.91 -25.86
N ASP A 471 -3.40 -4.70 -24.95
CA ASP A 471 -3.09 -5.74 -23.97
C ASP A 471 -4.33 -6.16 -23.20
N GLN A 472 -5.20 -5.22 -22.86
CA GLN A 472 -6.37 -5.46 -22.05
C GLN A 472 -7.63 -5.74 -22.87
N GLY A 473 -7.52 -5.83 -24.18
CA GLY A 473 -8.69 -6.14 -24.98
C GLY A 473 -9.68 -5.02 -25.14
N ASP A 474 -9.33 -3.79 -24.78
CA ASP A 474 -10.24 -2.67 -25.05
C ASP A 474 -10.26 -2.31 -26.52
N VAL A 475 -9.27 -2.78 -27.29
CA VAL A 475 -9.22 -2.64 -28.74
C VAL A 475 -8.73 -3.97 -29.31
N PHE A 476 -9.25 -4.35 -30.47
CA PHE A 476 -8.87 -5.61 -31.09
C PHE A 476 -9.11 -5.63 -32.60
N LEU B 23 -28.90 13.97 30.37
CA LEU B 23 -27.76 13.13 30.03
C LEU B 23 -27.66 11.94 30.97
N PRO B 24 -27.42 10.75 30.41
CA PRO B 24 -27.29 9.56 31.25
C PRO B 24 -26.14 9.69 32.23
N HIS B 25 -26.17 8.84 33.25
CA HIS B 25 -25.10 8.83 34.25
C HIS B 25 -23.89 8.14 33.64
N GLU B 26 -22.91 8.94 33.20
CA GLU B 26 -21.67 8.45 32.62
C GLU B 26 -20.50 9.07 33.40
N PRO B 27 -20.25 8.58 34.62
CA PRO B 27 -19.30 9.29 35.49
C PRO B 27 -17.86 9.31 34.98
N GLU B 28 -17.35 8.20 34.44
CA GLU B 28 -15.99 8.21 33.94
C GLU B 28 -15.86 9.09 32.70
N PHE B 29 -16.78 8.93 31.75
CA PHE B 29 -16.79 9.82 30.59
C PHE B 29 -16.93 11.27 31.02
N GLN B 30 -17.83 11.54 31.97
CA GLN B 30 -18.03 12.92 32.40
C GLN B 30 -16.78 13.48 33.06
N GLN B 31 -16.07 12.65 33.83
CA GLN B 31 -14.81 13.11 34.43
C GLN B 31 -13.80 13.47 33.35
N ALA B 32 -13.63 12.60 32.35
CA ALA B 32 -12.68 12.89 31.28
C ALA B 32 -13.08 14.16 30.51
N TYR B 33 -14.37 14.28 30.18
CA TYR B 33 -14.88 15.45 29.46
C TYR B 33 -14.66 16.72 30.27
N ASP B 34 -14.97 16.68 31.57
CA ASP B 34 -14.79 17.84 32.43
C ASP B 34 -13.31 18.22 32.55
N GLU B 35 -12.43 17.22 32.72
CA GLU B 35 -11.00 17.50 32.78
C GLU B 35 -10.55 18.25 31.53
N LEU B 36 -10.90 17.73 30.35
CA LEU B 36 -10.47 18.37 29.12
C LEU B 36 -11.08 19.77 28.97
N VAL B 37 -12.38 19.90 29.24
CA VAL B 37 -13.04 21.19 29.05
C VAL B 37 -12.45 22.24 29.99
N SER B 38 -12.39 21.94 31.29
CA SER B 38 -11.85 22.90 32.24
C SER B 38 -10.38 23.22 31.96
N ALA B 39 -9.61 22.24 31.47
CA ALA B 39 -8.23 22.54 31.10
C ALA B 39 -8.16 23.49 29.91
N VAL B 40 -9.12 23.39 28.99
CA VAL B 40 -9.11 24.26 27.81
C VAL B 40 -9.60 25.65 28.15
N GLU B 41 -10.64 25.76 28.98
CA GLU B 41 -11.20 27.07 29.32
C GLU B 41 -10.23 27.89 30.15
N ASP B 42 -9.48 27.24 31.05
CA ASP B 42 -8.48 27.94 31.85
C ASP B 42 -7.23 28.21 31.03
N SER B 43 -7.40 28.86 29.89
CA SER B 43 -6.31 29.17 28.99
C SER B 43 -6.75 30.29 28.06
N THR B 44 -5.79 30.85 27.33
CA THR B 44 -6.05 31.93 26.40
C THR B 44 -6.57 31.45 25.05
N LEU B 45 -6.95 30.17 24.94
CA LEU B 45 -7.27 29.59 23.64
C LEU B 45 -8.51 30.22 23.02
N PHE B 46 -9.60 30.26 23.78
CA PHE B 46 -10.84 30.84 23.25
C PHE B 46 -10.74 32.34 23.06
N LYS B 47 -9.78 33.01 23.71
CA LYS B 47 -9.56 34.41 23.42
C LYS B 47 -8.81 34.60 22.11
N GLU B 48 -7.74 33.84 21.90
CA GLU B 48 -6.93 34.02 20.70
C GLU B 48 -7.63 33.49 19.46
N GLU B 49 -8.30 32.35 19.57
CA GLU B 49 -9.07 31.79 18.47
C GLU B 49 -10.39 31.30 19.03
N PRO B 50 -11.43 32.15 19.01
CA PRO B 50 -12.72 31.76 19.62
C PRO B 50 -13.49 30.73 18.82
N GLN B 51 -13.06 30.42 17.59
CA GLN B 51 -13.76 29.42 16.80
C GLN B 51 -13.77 28.06 17.49
N TYR B 52 -12.70 27.74 18.22
CA TYR B 52 -12.65 26.48 18.97
C TYR B 52 -13.76 26.35 19.98
N LYS B 53 -14.44 27.43 20.35
CA LYS B 53 -15.59 27.32 21.23
C LYS B 53 -16.65 26.39 20.66
N LYS B 54 -16.75 26.34 19.32
CA LYS B 54 -17.79 25.53 18.68
C LYS B 54 -17.52 24.04 18.78
N VAL B 55 -16.27 23.63 18.97
CA VAL B 55 -15.90 22.23 18.78
C VAL B 55 -16.36 21.36 19.96
N ILE B 56 -16.29 21.90 21.18
CA ILE B 56 -16.54 21.08 22.37
C ILE B 56 -17.84 20.27 22.27
N PRO B 57 -19.00 20.87 21.97
CA PRO B 57 -20.24 20.06 21.96
C PRO B 57 -20.32 19.08 20.79
N VAL B 58 -19.46 19.21 19.78
CA VAL B 58 -19.52 18.34 18.61
C VAL B 58 -18.64 17.11 18.85
N VAL B 59 -17.36 17.34 19.12
CA VAL B 59 -16.40 16.24 19.22
C VAL B 59 -16.76 15.30 20.36
N SER B 60 -17.33 15.84 21.44
CA SER B 60 -17.62 15.02 22.62
C SER B 60 -18.75 14.04 22.39
N ILE B 61 -19.54 14.21 21.33
CA ILE B 61 -20.61 13.28 21.00
C ILE B 61 -20.06 12.27 19.99
N PRO B 62 -20.11 10.97 20.29
CA PRO B 62 -19.48 9.99 19.41
C PRO B 62 -20.14 9.97 18.04
N GLU B 63 -19.32 9.85 17.01
CA GLU B 63 -19.85 9.76 15.65
C GLU B 63 -20.79 8.57 15.50
N ARG B 64 -20.52 7.48 16.21
CA ARG B 64 -21.35 6.30 16.07
C ARG B 64 -21.12 5.36 17.24
N ILE B 65 -22.19 4.78 17.75
CA ILE B 65 -22.10 3.72 18.74
C ILE B 65 -22.98 2.57 18.27
N ILE B 66 -22.47 1.36 18.37
CA ILE B 66 -23.18 0.16 17.94
C ILE B 66 -23.18 -0.80 19.13
N GLN B 67 -24.37 -1.00 19.72
CA GLN B 67 -24.61 -2.10 20.64
C GLN B 67 -25.20 -3.27 19.89
N PHE B 68 -24.82 -4.48 20.30
CA PHE B 68 -25.42 -5.67 19.69
C PHE B 68 -25.41 -6.81 20.68
N ARG B 69 -26.48 -7.60 20.65
CA ARG B 69 -26.50 -8.86 21.39
C ARG B 69 -25.52 -9.85 20.77
N VAL B 70 -24.80 -10.55 21.64
CA VAL B 70 -23.86 -11.58 21.25
C VAL B 70 -24.33 -12.86 21.92
N THR B 71 -24.94 -13.75 21.14
CA THR B 71 -25.43 -15.03 21.64
C THR B 71 -24.42 -16.11 21.29
N TRP B 72 -24.02 -16.89 22.29
CA TRP B 72 -23.06 -17.96 22.09
C TRP B 72 -23.45 -19.13 23.00
N GLU B 73 -22.63 -20.17 23.01
CA GLU B 73 -22.97 -21.43 23.64
C GLU B 73 -21.81 -21.87 24.52
N ASN B 74 -22.09 -22.15 25.79
CA ASN B 74 -21.04 -22.63 26.67
C ASN B 74 -20.83 -24.13 26.45
N ASP B 75 -19.84 -24.69 27.15
CA ASP B 75 -19.50 -26.11 26.96
C ASP B 75 -20.63 -27.04 27.38
N LYS B 76 -21.52 -26.60 28.27
CA LYS B 76 -22.66 -27.43 28.65
C LYS B 76 -23.78 -27.38 27.61
N GLY B 77 -23.60 -26.67 26.51
CA GLY B 77 -24.64 -26.51 25.52
C GLY B 77 -25.73 -25.53 25.89
N GLU B 78 -25.53 -24.74 26.94
CA GLU B 78 -26.50 -23.74 27.36
C GLU B 78 -26.21 -22.41 26.67
N ILE B 79 -27.26 -21.64 26.46
CA ILE B 79 -27.16 -20.37 25.74
C ILE B 79 -26.65 -19.29 26.69
N GLU B 80 -25.63 -18.57 26.26
CA GLU B 80 -25.13 -17.39 26.96
C GLU B 80 -25.35 -16.16 26.10
N VAL B 81 -25.65 -15.04 26.74
CA VAL B 81 -25.93 -13.80 26.04
C VAL B 81 -25.08 -12.70 26.65
N ASN B 82 -24.47 -11.89 25.79
CA ASN B 82 -23.64 -10.77 26.24
C ASN B 82 -23.92 -9.56 25.37
N ASN B 83 -23.43 -8.41 25.81
CA ASN B 83 -23.49 -7.20 25.01
C ASN B 83 -22.14 -6.91 24.39
N GLY B 84 -22.14 -6.55 23.11
CA GLY B 84 -20.95 -6.11 22.43
C GLY B 84 -21.15 -4.67 21.99
N PHE B 85 -20.06 -3.91 22.02
CA PHE B 85 -20.09 -2.49 21.71
C PHE B 85 -18.96 -2.14 20.77
N ARG B 86 -19.23 -1.20 19.87
CA ARG B 86 -18.20 -0.48 19.14
C ARG B 86 -18.54 1.00 19.19
N VAL B 87 -17.68 1.77 19.84
CA VAL B 87 -17.79 3.22 19.89
C VAL B 87 -16.79 3.78 18.90
N GLN B 88 -17.28 4.24 17.76
CA GLN B 88 -16.47 4.97 16.79
C GLN B 88 -16.66 6.45 17.11
N TYR B 89 -15.71 7.03 17.87
CA TYR B 89 -15.97 8.33 18.48
C TYR B 89 -15.65 9.47 17.52
N ASN B 90 -14.43 9.49 17.00
CA ASN B 90 -14.02 10.59 16.14
C ASN B 90 -13.02 10.09 15.11
N SER B 91 -13.25 10.44 13.85
CA SER B 91 -12.42 9.97 12.73
C SER B 91 -11.74 11.12 12.02
N ALA B 92 -11.65 12.29 12.66
CA ALA B 92 -11.13 13.47 11.98
C ALA B 92 -9.67 13.30 11.56
N LEU B 93 -8.86 12.69 12.42
CA LEU B 93 -7.47 12.51 12.11
C LEU B 93 -7.19 11.22 11.32
N GLY B 94 -8.15 10.30 11.27
CA GLY B 94 -7.96 9.07 10.55
C GLY B 94 -9.01 8.04 10.92
N PRO B 95 -8.84 6.81 10.46
CA PRO B 95 -9.78 5.74 10.83
C PRO B 95 -9.81 5.50 12.33
N TYR B 96 -10.98 5.11 12.83
CA TYR B 96 -11.13 4.80 14.24
C TYR B 96 -10.09 3.76 14.66
N LYS B 97 -9.42 4.03 15.77
CA LYS B 97 -8.34 3.17 16.25
C LYS B 97 -8.47 3.03 17.76
N GLY B 98 -8.32 1.81 18.24
CA GLY B 98 -8.51 1.53 19.65
C GLY B 98 -8.61 0.05 19.90
N GLY B 99 -8.59 -0.30 21.18
CA GLY B 99 -8.61 -1.70 21.56
C GLY B 99 -10.00 -2.30 21.66
N LEU B 100 -10.03 -3.61 21.86
CA LEU B 100 -11.22 -4.33 22.28
C LEU B 100 -10.99 -4.85 23.68
N ARG B 101 -11.96 -4.62 24.56
CA ARG B 101 -11.88 -5.03 25.95
C ARG B 101 -13.00 -6.01 26.25
N PHE B 102 -12.64 -7.24 26.65
CA PHE B 102 -13.60 -8.25 27.10
C PHE B 102 -13.50 -8.32 28.61
N HIS B 103 -14.46 -7.70 29.31
CA HIS B 103 -14.42 -7.67 30.76
C HIS B 103 -15.81 -7.36 31.30
N PRO B 104 -16.24 -8.00 32.39
CA PRO B 104 -17.62 -7.79 32.86
C PRO B 104 -17.94 -6.36 33.23
N THR B 105 -16.94 -5.52 33.51
CA THR B 105 -17.16 -4.12 33.83
C THR B 105 -17.46 -3.27 32.61
N VAL B 106 -17.44 -3.87 31.42
CA VAL B 106 -17.53 -3.11 30.18
C VAL B 106 -18.99 -2.75 29.90
N ASN B 107 -19.24 -1.46 29.71
CA ASN B 107 -20.55 -1.00 29.29
C ASN B 107 -20.36 0.19 28.37
N LEU B 108 -21.49 0.77 27.93
CA LEU B 108 -21.42 1.91 27.02
C LEU B 108 -20.68 3.09 27.65
N SER B 109 -20.88 3.31 28.95
CA SER B 109 -20.25 4.47 29.60
C SER B 109 -18.74 4.32 29.65
N ILE B 110 -18.25 3.15 30.07
CA ILE B 110 -16.80 2.96 30.18
C ILE B 110 -16.16 3.04 28.81
N LEU B 111 -16.80 2.45 27.78
CA LEU B 111 -16.24 2.50 26.44
C LEU B 111 -16.31 3.90 25.85
N LYS B 112 -17.34 4.67 26.21
CA LYS B 112 -17.37 6.09 25.84
C LYS B 112 -16.19 6.83 26.47
N PHE B 113 -15.95 6.59 27.75
CA PHE B 113 -14.81 7.22 28.42
C PHE B 113 -13.50 6.86 27.75
N LEU B 114 -13.32 5.57 27.49
CA LEU B 114 -12.06 5.10 26.89
C LEU B 114 -11.87 5.64 25.48
N GLY B 115 -12.93 5.61 24.67
CA GLY B 115 -12.82 6.15 23.31
C GLY B 115 -12.62 7.65 23.28
N PHE B 116 -13.29 8.38 24.17
CA PHE B 116 -13.08 9.81 24.28
C PHE B 116 -11.62 10.13 24.60
N GLU B 117 -11.07 9.45 25.62
CA GLU B 117 -9.64 9.60 25.89
C GLU B 117 -8.81 9.20 24.68
N GLN B 118 -9.22 8.13 23.99
CA GLN B 118 -8.45 7.60 22.87
C GLN B 118 -8.33 8.60 21.72
N ILE B 119 -9.39 9.40 21.50
CA ILE B 119 -9.33 10.44 20.47
C ILE B 119 -8.04 11.25 20.61
N PHE B 120 -7.88 11.88 21.78
CA PHE B 120 -6.77 12.78 22.00
C PHE B 120 -5.47 12.03 22.25
N LYS B 121 -5.55 10.84 22.83
CA LYS B 121 -4.38 9.99 22.97
C LYS B 121 -3.75 9.71 21.61
N ASN B 122 -4.57 9.29 20.63
CA ASN B 122 -4.07 9.09 19.28
C ASN B 122 -3.63 10.40 18.63
N ALA B 123 -4.36 11.49 18.92
CA ALA B 123 -3.96 12.79 18.39
C ALA B 123 -2.54 13.14 18.82
N LEU B 124 -2.19 12.86 20.07
CA LEU B 124 -0.88 13.25 20.60
C LEU B 124 0.26 12.39 20.06
N THR B 125 -0.03 11.17 19.58
CA THR B 125 1.02 10.39 18.92
C THR B 125 1.46 11.01 17.60
N GLY B 126 0.78 12.05 17.13
CA GLY B 126 1.11 12.65 15.86
C GLY B 126 0.81 11.77 14.67
N LEU B 127 0.12 10.65 14.89
CA LEU B 127 -0.26 9.75 13.82
C LEU B 127 -1.68 10.05 13.38
N SER B 128 -1.99 9.71 12.12
CA SER B 128 -3.33 9.90 11.57
C SER B 128 -4.21 8.74 12.03
N MET B 129 -4.63 8.81 13.30
CA MET B 129 -5.45 7.77 13.90
C MET B 129 -6.65 8.42 14.59
N GLY B 130 -7.86 8.02 14.19
CA GLY B 130 -9.05 8.43 14.88
C GLY B 130 -9.22 7.73 16.22
N GLY B 131 -10.32 8.05 16.89
CA GLY B 131 -10.60 7.54 18.22
C GLY B 131 -11.73 6.52 18.18
N GLY B 132 -11.49 5.38 18.82
CA GLY B 132 -12.51 4.36 18.91
C GLY B 132 -12.15 3.35 19.96
N LYS B 133 -13.17 2.61 20.40
CA LYS B 133 -12.99 1.60 21.44
C LYS B 133 -14.18 0.67 21.43
N GLY B 134 -13.92 -0.61 21.70
CA GLY B 134 -15.01 -1.56 21.68
C GLY B 134 -14.80 -2.73 22.61
N GLY B 135 -15.66 -3.72 22.51
CA GLY B 135 -15.52 -4.89 23.36
C GLY B 135 -16.84 -5.46 23.83
N SER B 136 -16.84 -6.03 25.02
CA SER B 136 -18.02 -6.75 25.48
C SER B 136 -17.88 -7.06 26.96
N ASP B 137 -19.01 -7.18 27.64
CA ASP B 137 -19.04 -7.57 29.03
C ASP B 137 -18.77 -9.06 29.23
N PHE B 138 -18.44 -9.78 28.17
CA PHE B 138 -18.04 -11.17 28.28
C PHE B 138 -16.90 -11.32 29.28
N ASN B 139 -17.06 -12.30 30.19
CA ASN B 139 -16.07 -12.57 31.22
C ASN B 139 -15.25 -13.79 30.85
N PRO B 140 -14.00 -13.62 30.41
CA PRO B 140 -13.19 -14.77 29.99
C PRO B 140 -12.57 -15.55 31.14
N LYS B 141 -12.87 -15.21 32.39
CA LYS B 141 -12.18 -15.76 33.55
C LYS B 141 -12.26 -17.28 33.63
N ASN B 142 -13.44 -17.83 33.87
CA ASN B 142 -13.58 -19.28 33.99
C ASN B 142 -14.16 -19.90 32.74
N ARG B 143 -13.61 -19.56 31.57
CA ARG B 143 -14.12 -20.05 30.30
C ARG B 143 -13.07 -20.87 29.59
N SER B 144 -13.50 -22.00 29.02
CA SER B 144 -12.61 -22.85 28.25
C SER B 144 -12.29 -22.20 26.91
N ASP B 145 -11.21 -22.65 26.29
CA ASP B 145 -10.85 -22.14 24.97
C ASP B 145 -11.98 -22.34 23.98
N ASN B 146 -12.78 -23.40 24.14
CA ASN B 146 -13.93 -23.59 23.27
C ASN B 146 -14.98 -22.51 23.51
N GLU B 147 -15.23 -22.15 24.77
CA GLU B 147 -16.20 -21.10 25.04
C GLU B 147 -15.69 -19.74 24.58
N ILE B 148 -14.41 -19.47 24.81
CA ILE B 148 -13.83 -18.21 24.31
C ILE B 148 -13.91 -18.16 22.79
N ARG B 149 -13.66 -19.29 22.13
CA ARG B 149 -13.77 -19.34 20.67
C ARG B 149 -15.20 -19.09 20.22
N ARG B 150 -16.17 -19.71 20.88
CA ARG B 150 -17.56 -19.52 20.48
C ARG B 150 -18.00 -18.07 20.66
N PHE B 151 -17.62 -17.45 21.78
CA PHE B 151 -17.96 -16.04 21.95
C PHE B 151 -17.24 -15.16 20.94
N CYS B 152 -15.96 -15.41 20.69
CA CYS B 152 -15.24 -14.60 19.71
C CYS B 152 -15.88 -14.72 18.33
N VAL B 153 -16.26 -15.94 17.93
CA VAL B 153 -16.95 -16.11 16.66
C VAL B 153 -18.23 -15.30 16.64
N SER B 154 -19.07 -15.44 17.67
CA SER B 154 -20.34 -14.75 17.68
C SER B 154 -20.15 -13.23 17.65
N PHE B 155 -19.22 -12.74 18.49
CA PHE B 155 -18.96 -11.31 18.57
C PHE B 155 -18.46 -10.75 17.26
N MET B 156 -17.51 -11.43 16.62
CA MET B 156 -16.97 -10.93 15.37
C MET B 156 -17.99 -11.02 14.26
N ARG B 157 -18.84 -12.05 14.26
CA ARG B 157 -19.92 -12.11 13.29
C ARG B 157 -20.86 -10.93 13.45
N GLN B 158 -21.05 -10.48 14.69
CA GLN B 158 -21.97 -9.37 14.91
C GLN B 158 -21.31 -8.02 14.69
N LEU B 159 -19.99 -7.96 14.74
CA LEU B 159 -19.27 -6.68 14.67
C LEU B 159 -18.65 -6.40 13.32
N ALA B 160 -18.34 -7.43 12.52
CA ALA B 160 -17.53 -7.22 11.31
C ALA B 160 -18.21 -6.30 10.32
N ARG B 161 -19.54 -6.25 10.31
CA ARG B 161 -20.27 -5.34 9.45
C ARG B 161 -19.88 -3.87 9.62
N TYR B 162 -19.26 -3.51 10.76
CA TYR B 162 -18.98 -2.13 11.11
C TYR B 162 -17.48 -1.85 11.28
N ILE B 163 -16.61 -2.69 10.73
CA ILE B 163 -15.17 -2.44 10.80
C ILE B 163 -14.55 -2.69 9.43
N GLY B 164 -13.25 -2.44 9.34
CA GLY B 164 -12.49 -2.57 8.11
C GLY B 164 -11.14 -1.89 8.23
N PRO B 165 -10.23 -2.17 7.31
CA PRO B 165 -8.91 -1.54 7.38
C PRO B 165 -8.93 -0.04 7.12
N ASP B 166 -9.87 0.44 6.31
CA ASP B 166 -10.02 1.86 6.04
C ASP B 166 -11.12 2.50 6.87
N THR B 167 -11.79 1.73 7.72
CA THR B 167 -12.92 2.23 8.51
C THR B 167 -12.62 2.23 10.00
N ASP B 168 -12.29 1.07 10.58
CA ASP B 168 -12.18 0.94 12.03
C ASP B 168 -11.27 -0.24 12.33
N VAL B 169 -10.16 0.01 13.03
CA VAL B 169 -9.17 -1.02 13.33
C VAL B 169 -9.15 -1.31 14.82
N PRO B 170 -9.74 -2.41 15.27
CA PRO B 170 -9.58 -2.82 16.67
C PRO B 170 -8.25 -3.51 16.94
N ALA B 171 -7.82 -3.44 18.20
CA ALA B 171 -6.60 -4.09 18.66
C ALA B 171 -6.88 -4.73 20.03
N GLY B 172 -5.82 -5.22 20.68
CA GLY B 172 -5.97 -5.93 21.94
C GLY B 172 -5.92 -5.04 23.18
N ASP B 173 -6.65 -5.47 24.21
CA ASP B 173 -6.71 -4.76 25.48
C ASP B 173 -6.95 -5.76 26.62
N ILE B 174 -7.55 -5.30 27.73
CA ILE B 174 -7.89 -6.18 28.84
C ILE B 174 -8.85 -7.27 28.34
N GLY B 175 -8.44 -8.52 28.48
CA GLY B 175 -9.27 -9.64 28.09
C GLY B 175 -9.15 -10.07 26.65
N VAL B 176 -8.44 -9.33 25.81
CA VAL B 176 -8.25 -9.69 24.41
C VAL B 176 -6.75 -9.89 24.21
N GLY B 177 -6.33 -11.15 24.11
CA GLY B 177 -4.95 -11.49 23.90
C GLY B 177 -4.74 -12.24 22.60
N GLY B 178 -3.59 -12.90 22.46
CA GLY B 178 -3.29 -13.62 21.23
C GLY B 178 -4.36 -14.61 20.84
N ARG B 179 -4.88 -15.36 21.81
CA ARG B 179 -5.89 -16.36 21.51
C ARG B 179 -7.20 -15.72 21.04
N GLU B 180 -7.68 -14.73 21.78
CA GLU B 180 -8.90 -14.02 21.39
C GLU B 180 -8.72 -13.37 20.04
N VAL B 181 -7.57 -12.74 19.80
CA VAL B 181 -7.32 -12.10 18.51
C VAL B 181 -7.31 -13.12 17.38
N GLY B 182 -6.72 -14.29 17.62
CA GLY B 182 -6.73 -15.33 16.62
C GLY B 182 -8.15 -15.77 16.27
N PHE B 183 -8.96 -16.00 17.29
CA PHE B 183 -10.34 -16.42 17.05
C PHE B 183 -11.14 -15.35 16.33
N LEU B 184 -11.02 -14.09 16.77
CA LEU B 184 -11.71 -12.98 16.13
C LEU B 184 -11.30 -12.84 14.68
N PHE B 185 -9.99 -12.92 14.41
CA PHE B 185 -9.50 -12.79 13.04
C PHE B 185 -9.97 -13.96 12.17
N GLY B 186 -10.00 -15.17 12.72
CA GLY B 186 -10.54 -16.29 11.97
C GLY B 186 -11.98 -16.10 11.60
N ALA B 187 -12.80 -15.64 12.54
CA ALA B 187 -14.21 -15.37 12.25
C ALA B 187 -14.35 -14.29 11.18
N TYR B 188 -13.59 -13.20 11.33
CA TYR B 188 -13.61 -12.12 10.34
C TYR B 188 -13.21 -12.64 8.96
N LYS B 189 -12.17 -13.47 8.90
CA LYS B 189 -11.70 -14.01 7.64
C LYS B 189 -12.75 -14.90 6.99
N GLN B 190 -13.46 -15.69 7.80
CA GLN B 190 -14.54 -16.50 7.25
C GLN B 190 -15.69 -15.63 6.74
N MET B 191 -15.97 -14.52 7.43
CA MET B 191 -17.15 -13.72 7.09
C MET B 191 -16.90 -12.81 5.91
N ARG B 192 -15.93 -11.92 6.02
CA ARG B 192 -15.61 -10.98 4.94
C ARG B 192 -14.79 -11.63 3.84
N ASN B 193 -14.45 -12.91 3.99
CA ASN B 193 -13.76 -13.69 2.97
C ASN B 193 -12.44 -13.04 2.56
N PRO B 213 4.17 -5.09 23.34
CA PRO B 213 3.85 -5.40 24.75
C PRO B 213 4.48 -4.39 25.71
N GLU B 214 5.68 -3.94 25.37
CA GLU B 214 6.42 -2.99 26.19
C GLU B 214 6.09 -1.55 25.83
N ALA B 215 5.37 -1.33 24.73
CA ALA B 215 5.20 0.01 24.17
C ALA B 215 4.68 1.01 25.21
N THR B 216 3.60 0.67 25.92
CA THR B 216 2.96 1.63 26.80
C THR B 216 3.86 2.01 27.96
N GLY B 217 4.39 1.01 28.69
CA GLY B 217 5.24 1.31 29.83
C GLY B 217 6.53 2.01 29.44
N TYR B 218 7.21 1.51 28.41
CA TYR B 218 8.41 2.18 27.91
C TYR B 218 8.12 3.62 27.53
N GLY B 219 7.00 3.86 26.84
CA GLY B 219 6.65 5.21 26.45
C GLY B 219 6.38 6.11 27.64
N CYS B 220 5.65 5.60 28.63
CA CYS B 220 5.42 6.36 29.86
C CYS B 220 6.75 6.74 30.51
N VAL B 221 7.68 5.79 30.60
CA VAL B 221 8.95 6.07 31.27
C VAL B 221 9.78 7.06 30.45
N TYR B 222 9.74 6.96 29.11
CA TYR B 222 10.42 7.94 28.27
C TYR B 222 9.83 9.33 28.47
N TYR B 223 8.51 9.42 28.58
CA TYR B 223 7.83 10.69 28.82
C TYR B 223 8.28 11.29 30.15
N VAL B 224 8.36 10.47 31.20
CA VAL B 224 8.82 10.98 32.49
C VAL B 224 10.31 11.30 32.46
N GLU B 225 11.08 10.57 31.64
CA GLU B 225 12.48 10.92 31.42
C GLU B 225 12.60 12.35 30.90
N LYS B 226 11.82 12.68 29.86
CA LYS B 226 11.85 14.06 29.35
C LYS B 226 11.29 15.04 30.36
N MET B 227 10.32 14.62 31.17
CA MET B 227 9.80 15.47 32.24
C MET B 227 10.92 15.86 33.21
N ILE B 228 11.65 14.87 33.72
CA ILE B 228 12.75 15.13 34.64
C ILE B 228 13.82 15.97 33.96
N GLU B 229 14.20 15.59 32.74
CA GLU B 229 15.21 16.32 31.98
C GLU B 229 14.86 17.81 31.87
N LYS B 230 13.59 18.12 31.61
CA LYS B 230 13.19 19.53 31.53
C LYS B 230 13.18 20.19 32.89
N ALA B 231 12.66 19.50 33.91
CA ALA B 231 12.47 20.13 35.22
C ALA B 231 13.79 20.39 35.95
N THR B 232 14.89 19.74 35.57
CA THR B 232 16.16 19.91 36.25
C THR B 232 17.26 20.40 35.32
N ASN B 233 16.91 20.93 34.15
CA ASN B 233 17.88 21.43 33.18
C ASN B 233 18.97 20.40 32.87
N GLY B 234 18.54 19.15 32.70
CA GLY B 234 19.43 18.08 32.29
C GLY B 234 20.27 17.48 33.39
N LYS B 235 20.23 18.04 34.60
CA LYS B 235 21.11 17.57 35.67
C LYS B 235 20.67 16.21 36.18
N GLU B 236 19.37 15.98 36.28
CA GLU B 236 18.81 14.76 36.84
C GLU B 236 18.12 13.93 35.77
N THR B 237 18.17 12.62 35.96
CA THR B 237 17.46 11.68 35.09
C THR B 237 16.69 10.71 35.99
N PHE B 238 16.29 9.57 35.42
CA PHE B 238 15.70 8.51 36.23
C PHE B 238 16.71 7.83 37.14
N LYS B 239 18.01 8.00 36.86
CA LYS B 239 19.05 7.41 37.70
C LYS B 239 18.91 7.86 39.14
N GLY B 240 18.78 6.90 40.05
CA GLY B 240 18.63 7.20 41.46
C GLY B 240 17.34 7.85 41.88
N LYS B 241 16.24 7.56 41.18
CA LYS B 241 14.92 8.06 41.54
C LYS B 241 14.10 6.93 42.18
N ARG B 242 13.49 7.22 43.32
CA ARG B 242 12.52 6.30 43.90
C ARG B 242 11.21 6.44 43.15
N VAL B 243 10.75 5.34 42.56
CA VAL B 243 9.60 5.34 41.66
C VAL B 243 8.57 4.34 42.18
N ALA B 244 7.39 4.84 42.53
CA ALA B 244 6.31 4.04 43.06
C ALA B 244 5.31 3.76 41.95
N ILE B 245 5.17 2.49 41.57
CA ILE B 245 4.27 2.07 40.50
C ILE B 245 3.14 1.26 41.11
N SER B 246 1.92 1.47 40.59
CA SER B 246 0.78 0.65 40.96
C SER B 246 0.41 -0.27 39.80
N GLY B 247 -0.36 -1.30 40.13
CA GLY B 247 -0.74 -2.30 39.15
C GLY B 247 0.39 -3.29 38.88
N SER B 248 0.00 -4.42 38.29
CA SER B 248 0.96 -5.47 37.96
C SER B 248 0.71 -6.04 36.57
N GLY B 249 -0.06 -5.32 35.74
CA GLY B 249 -0.32 -5.73 34.38
C GLY B 249 0.77 -5.28 33.44
N ASN B 250 0.44 -5.31 32.14
CA ASN B 250 1.41 -5.00 31.09
C ASN B 250 2.09 -3.65 31.31
N VAL B 251 1.28 -2.60 31.47
CA VAL B 251 1.80 -1.24 31.63
C VAL B 251 2.77 -1.18 32.80
N ALA B 252 2.30 -1.58 33.99
CA ALA B 252 3.13 -1.47 35.20
C ALA B 252 4.39 -2.33 35.08
N GLN B 253 4.25 -3.57 34.60
CA GLN B 253 5.40 -4.46 34.44
C GLN B 253 6.50 -3.82 33.59
N TYR B 254 6.16 -3.41 32.37
CA TYR B 254 7.21 -2.91 31.48
C TYR B 254 7.68 -1.52 31.88
N ALA B 255 6.82 -0.72 32.52
CA ALA B 255 7.28 0.53 33.11
C ALA B 255 8.35 0.28 34.17
N ALA B 256 8.10 -0.68 35.06
CA ALA B 256 9.09 -1.03 36.06
C ALA B 256 10.39 -1.53 35.42
N LEU B 257 10.27 -2.36 34.38
CA LEU B 257 11.47 -2.86 33.70
C LEU B 257 12.29 -1.72 33.10
N LYS B 258 11.62 -0.74 32.49
CA LYS B 258 12.36 0.38 31.91
C LYS B 258 12.94 1.30 32.98
N VAL B 259 12.24 1.44 34.12
CA VAL B 259 12.82 2.18 35.25
C VAL B 259 14.09 1.49 35.72
N ILE B 260 14.06 0.15 35.82
CA ILE B 260 15.26 -0.60 36.17
C ILE B 260 16.38 -0.32 35.18
N GLU B 261 16.08 -0.44 33.89
CA GLU B 261 17.10 -0.24 32.86
C GLU B 261 17.78 1.12 32.98
N LEU B 262 17.02 2.16 33.33
CA LEU B 262 17.56 3.51 33.38
C LEU B 262 18.19 3.88 34.72
N GLY B 263 18.23 2.95 35.67
CA GLY B 263 18.90 3.20 36.93
C GLY B 263 18.00 3.65 38.07
N GLY B 264 16.68 3.56 37.92
CA GLY B 264 15.78 3.89 39.00
C GLY B 264 15.51 2.72 39.92
N THR B 265 14.77 2.98 40.99
CA THR B 265 14.41 1.97 41.99
C THR B 265 12.90 1.86 42.07
N VAL B 266 12.35 0.74 41.63
CA VAL B 266 10.90 0.50 41.65
C VAL B 266 10.54 0.03 43.05
N VAL B 267 9.86 0.90 43.81
CA VAL B 267 9.62 0.64 45.23
C VAL B 267 8.29 -0.05 45.51
N SER B 268 7.40 -0.18 44.52
CA SER B 268 6.11 -0.77 44.79
C SER B 268 5.47 -1.28 43.50
N LEU B 269 4.58 -2.26 43.68
CA LEU B 269 3.59 -2.64 42.68
C LEU B 269 2.28 -2.91 43.43
N SER B 270 1.21 -3.23 42.70
CA SER B 270 -0.07 -3.49 43.34
C SER B 270 -0.97 -4.26 42.38
N ASP B 271 -2.16 -4.58 42.86
CA ASP B 271 -3.23 -5.13 42.04
C ASP B 271 -4.55 -4.79 42.71
N SER B 272 -5.63 -5.42 42.25
CA SER B 272 -6.95 -5.11 42.78
C SER B 272 -7.11 -5.53 44.23
N LYS B 273 -6.22 -6.38 44.74
CA LYS B 273 -6.37 -6.98 46.07
C LYS B 273 -5.34 -6.51 47.08
N GLY B 274 -4.15 -6.11 46.65
CA GLY B 274 -3.17 -5.62 47.60
C GLY B 274 -1.98 -5.00 46.90
N SER B 275 -1.08 -4.46 47.71
CA SER B 275 0.14 -3.83 47.22
C SER B 275 1.35 -4.62 47.70
N ILE B 276 2.48 -4.43 47.02
CA ILE B 276 3.77 -4.98 47.43
C ILE B 276 4.78 -3.85 47.43
N ILE B 277 5.60 -3.78 48.49
CA ILE B 277 6.59 -2.72 48.66
C ILE B 277 7.95 -3.34 48.92
N SER B 278 8.98 -2.77 48.30
CA SER B 278 10.37 -3.14 48.57
C SER B 278 11.19 -1.87 48.78
N LYS B 279 12.36 -2.04 49.39
CA LYS B 279 13.25 -0.91 49.67
C LYS B 279 14.52 -0.91 48.84
N ASN B 280 14.99 -2.09 48.42
CA ASN B 280 16.16 -2.16 47.55
C ASN B 280 15.80 -2.01 46.08
N GLY B 281 14.53 -2.15 45.73
CA GLY B 281 14.12 -2.13 44.34
C GLY B 281 13.78 -3.51 43.82
N ILE B 282 12.70 -3.61 43.06
CA ILE B 282 12.27 -4.88 42.48
C ILE B 282 13.16 -5.20 41.29
N THR B 283 13.54 -6.47 41.15
CA THR B 283 14.43 -6.90 40.09
C THR B 283 13.64 -7.33 38.85
N ALA B 284 14.35 -7.41 37.72
CA ALA B 284 13.71 -7.80 36.47
C ALA B 284 13.15 -9.23 36.53
N ASP B 285 13.87 -10.13 37.20
CA ASP B 285 13.40 -11.51 37.31
C ASP B 285 12.09 -11.59 38.08
N GLN B 286 11.94 -10.78 39.14
CA GLN B 286 10.69 -10.74 39.86
C GLN B 286 9.55 -10.26 38.95
N VAL B 287 9.85 -9.29 38.08
CA VAL B 287 8.84 -8.80 37.14
C VAL B 287 8.44 -9.90 36.17
N TYR B 288 9.43 -10.66 35.66
CA TYR B 288 9.12 -11.74 34.73
C TYR B 288 8.30 -12.84 35.40
N ALA B 289 8.61 -13.14 36.67
CA ALA B 289 7.82 -14.11 37.43
C ALA B 289 6.38 -13.62 37.61
N ILE B 290 6.23 -12.34 37.97
CA ILE B 290 4.88 -11.78 38.16
C ILE B 290 4.12 -11.80 36.83
N ALA B 291 4.81 -11.53 35.72
CA ALA B 291 4.18 -11.59 34.41
C ALA B 291 3.70 -13.00 34.10
N ALA B 292 4.58 -13.99 34.27
CA ALA B 292 4.22 -15.37 34.00
C ALA B 292 3.05 -15.82 34.87
N ALA B 293 3.03 -15.41 36.15
CA ALA B 293 1.98 -15.85 37.06
C ALA B 293 0.66 -15.13 36.80
N LYS B 294 0.72 -13.83 36.47
CA LYS B 294 -0.50 -13.09 36.14
C LYS B 294 -1.08 -13.54 34.80
N LEU B 295 -0.23 -14.05 33.89
CA LEU B 295 -0.76 -14.72 32.71
C LEU B 295 -1.52 -15.97 33.09
N LYS B 296 -1.16 -16.59 34.22
CA LYS B 296 -1.89 -17.73 34.75
C LYS B 296 -2.93 -17.29 35.78
N PHE B 297 -3.10 -15.99 36.00
CA PHE B 297 -4.00 -15.44 37.01
C PHE B 297 -3.63 -15.95 38.40
N SER B 307 6.48 -18.55 44.82
CA SER B 307 7.89 -18.30 44.52
C SER B 307 8.58 -17.67 45.72
N VAL B 308 8.77 -18.47 46.77
CA VAL B 308 9.35 -17.98 48.01
C VAL B 308 10.79 -17.51 47.82
N GLN B 309 11.57 -18.29 47.07
CA GLN B 309 13.02 -18.01 46.98
C GLN B 309 13.30 -16.66 46.33
N LEU B 310 12.50 -16.27 45.34
CA LEU B 310 12.77 -15.04 44.61
C LEU B 310 12.42 -13.80 45.42
N PHE B 311 11.49 -13.91 46.37
CA PHE B 311 10.94 -12.75 47.06
C PHE B 311 11.33 -12.70 48.54
N SER B 312 12.38 -13.42 48.94
CA SER B 312 12.76 -13.47 50.34
C SER B 312 14.23 -13.18 50.62
N GLY B 313 15.10 -13.19 49.60
CA GLY B 313 16.51 -12.92 49.82
C GLY B 313 16.81 -11.46 50.09
N ASP B 314 17.88 -10.94 49.48
CA ASP B 314 18.15 -9.51 49.52
C ASP B 314 16.97 -8.71 48.95
N HIS B 315 16.22 -9.32 48.03
CA HIS B 315 15.11 -8.66 47.34
C HIS B 315 13.78 -9.01 47.99
N SER B 316 13.71 -8.96 49.32
CA SER B 316 12.48 -9.26 50.03
C SER B 316 11.44 -8.16 49.77
N VAL B 317 10.17 -8.52 49.97
CA VAL B 317 9.05 -7.63 49.68
C VAL B 317 7.98 -7.84 50.75
N GLU B 318 7.28 -6.75 51.08
CA GLU B 318 6.17 -6.79 52.03
C GLU B 318 4.86 -6.61 51.28
N TYR B 319 3.92 -7.53 51.50
CA TYR B 319 2.60 -7.48 50.88
C TYR B 319 1.62 -6.89 51.88
N LEU B 320 0.94 -5.81 51.49
CA LEU B 320 -0.10 -5.19 52.29
C LEU B 320 -1.42 -5.39 51.57
N ALA B 321 -2.28 -6.24 52.13
CA ALA B 321 -3.56 -6.51 51.50
C ALA B 321 -4.52 -5.35 51.70
N GLY B 322 -5.34 -5.10 50.68
CA GLY B 322 -6.38 -4.08 50.79
C GLY B 322 -5.86 -2.68 50.94
N VAL B 323 -4.65 -2.40 50.46
CA VAL B 323 -4.03 -1.09 50.62
C VAL B 323 -3.39 -0.70 49.30
N ARG B 324 -3.49 0.64 48.94
CA ARG B 324 -2.78 1.20 47.80
C ARG B 324 -1.37 1.61 48.23
N PRO B 325 -0.38 1.49 47.34
CA PRO B 325 1.02 1.67 47.76
C PRO B 325 1.43 3.10 48.03
N TRP B 326 0.61 4.09 47.66
CA TRP B 326 1.07 5.49 47.65
C TRP B 326 1.55 5.93 49.03
N THR B 327 0.81 5.57 50.08
CA THR B 327 1.19 5.97 51.43
C THR B 327 2.25 5.06 52.05
N LYS B 328 2.50 3.88 51.48
CA LYS B 328 3.27 2.84 52.14
C LYS B 328 4.68 2.69 51.58
N VAL B 329 5.21 3.70 50.91
CA VAL B 329 6.54 3.64 50.32
C VAL B 329 7.48 4.69 50.85
N GLY B 330 7.04 5.53 51.79
CA GLY B 330 7.90 6.57 52.34
C GLY B 330 8.28 7.60 51.30
N GLN B 331 9.47 8.15 51.47
CA GLN B 331 9.99 9.14 50.52
C GLN B 331 10.07 8.53 49.13
N VAL B 332 9.46 9.19 48.16
CA VAL B 332 9.41 8.71 46.78
C VAL B 332 9.48 9.92 45.85
N ASP B 333 10.14 9.73 44.70
CA ASP B 333 10.37 10.82 43.76
C ASP B 333 9.33 10.86 42.64
N VAL B 334 9.05 9.72 42.02
CA VAL B 334 8.14 9.65 40.88
C VAL B 334 7.03 8.67 41.21
N ALA B 335 5.82 8.96 40.74
CA ALA B 335 4.65 8.10 40.93
C ALA B 335 4.04 7.76 39.59
N LEU B 336 3.86 6.47 39.33
CA LEU B 336 3.32 5.97 38.06
C LEU B 336 2.10 5.08 38.34
N PRO B 337 0.92 5.66 38.49
CA PRO B 337 -0.29 4.84 38.61
C PRO B 337 -0.60 4.13 37.29
N SER B 338 -0.55 2.80 37.31
CA SER B 338 -0.62 1.99 36.10
C SER B 338 -1.54 0.79 36.29
N ALA B 339 -2.65 0.96 36.99
CA ALA B 339 -3.56 -0.14 37.27
C ALA B 339 -4.95 0.09 36.68
N THR B 340 -5.67 1.09 37.17
CA THR B 340 -7.03 1.35 36.75
C THR B 340 -7.31 2.83 36.93
N GLN B 341 -8.52 3.24 36.57
CA GLN B 341 -8.89 4.63 36.75
C GLN B 341 -9.24 4.90 38.21
N ASN B 342 -9.02 6.15 38.62
CA ASN B 342 -9.34 6.63 39.97
C ASN B 342 -8.72 5.74 41.05
N GLU B 343 -7.40 5.56 40.95
CA GLU B 343 -6.65 4.79 41.94
C GLU B 343 -5.68 5.65 42.75
N VAL B 344 -5.81 6.97 42.70
CA VAL B 344 -5.03 7.88 43.52
C VAL B 344 -6.01 8.90 44.07
N SER B 345 -6.35 8.76 45.35
CA SER B 345 -7.26 9.71 45.99
C SER B 345 -6.53 11.00 46.34
N GLY B 346 -7.30 12.03 46.65
CA GLY B 346 -6.70 13.29 47.08
C GLY B 346 -5.81 13.15 48.30
N GLU B 347 -6.27 12.35 49.28
CA GLU B 347 -5.43 12.02 50.43
C GLU B 347 -4.10 11.40 50.00
N GLU B 348 -4.16 10.40 49.10
CA GLU B 348 -2.94 9.76 48.65
C GLU B 348 -2.07 10.71 47.83
N ALA B 349 -2.69 11.63 47.10
CA ALA B 349 -1.92 12.64 46.36
C ALA B 349 -1.16 13.55 47.32
N LYS B 350 -1.84 14.04 48.36
CA LYS B 350 -1.17 14.86 49.37
C LYS B 350 -0.06 14.09 50.07
N ALA B 351 -0.32 12.81 50.36
CA ALA B 351 0.72 11.96 50.94
C ALA B 351 1.93 11.87 50.03
N LEU B 352 1.70 11.69 48.72
CA LEU B 352 2.80 11.63 47.76
C LEU B 352 3.59 12.93 47.73
N VAL B 353 2.88 14.07 47.68
CA VAL B 353 3.56 15.37 47.66
C VAL B 353 4.41 15.54 48.92
N ASP B 354 3.83 15.22 50.08
CA ASP B 354 4.59 15.33 51.33
C ASP B 354 5.78 14.37 51.35
N ALA B 355 5.69 13.25 50.64
CA ALA B 355 6.79 12.30 50.53
C ALA B 355 7.84 12.76 49.52
N GLY B 356 7.72 13.97 48.99
CA GLY B 356 8.72 14.49 48.06
C GLY B 356 8.55 14.09 46.62
N CYS B 357 7.36 13.61 46.23
CA CYS B 357 7.12 13.26 44.84
C CYS B 357 7.03 14.53 43.99
N LYS B 358 7.85 14.61 42.95
CA LYS B 358 7.90 15.76 42.07
C LYS B 358 7.49 15.44 40.64
N PHE B 359 7.21 14.18 40.34
CA PHE B 359 6.75 13.78 39.02
C PHE B 359 5.68 12.71 39.17
N ILE B 360 4.53 12.92 38.54
CA ILE B 360 3.44 11.96 38.53
C ILE B 360 2.93 11.84 37.10
N ALA B 361 2.83 10.60 36.61
CA ALA B 361 2.36 10.34 35.26
C ALA B 361 1.53 9.07 35.25
N GLU B 362 0.41 9.10 34.54
CA GLU B 362 -0.57 8.02 34.57
C GLU B 362 -0.19 6.96 33.54
N GLY B 363 0.03 5.74 34.01
CA GLY B 363 0.17 4.60 33.11
C GLY B 363 -1.18 4.03 32.73
N SER B 364 -2.10 3.96 33.68
CA SER B 364 -3.46 3.55 33.39
C SER B 364 -4.26 4.74 32.86
N ASN B 365 -5.41 4.44 32.26
CA ASN B 365 -6.26 5.49 31.74
C ASN B 365 -6.91 6.25 32.89
N MET B 366 -6.56 7.53 33.03
CA MET B 366 -7.16 8.42 34.03
C MET B 366 -6.97 7.86 35.44
N GLY B 367 -5.72 7.55 35.77
CA GLY B 367 -5.42 6.92 37.06
C GLY B 367 -5.65 7.82 38.26
N SER B 368 -5.63 9.13 38.07
CA SER B 368 -5.73 10.08 39.17
C SER B 368 -7.15 10.64 39.28
N THR B 369 -7.65 10.70 40.52
CA THR B 369 -8.95 11.32 40.77
C THR B 369 -8.85 12.84 40.58
N LYS B 370 -10.02 13.48 40.45
CA LYS B 370 -10.05 14.93 40.29
C LYS B 370 -9.37 15.64 41.45
N GLU B 371 -9.59 15.17 42.67
CA GLU B 371 -8.96 15.79 43.83
C GLU B 371 -7.44 15.61 43.79
N ALA B 372 -6.97 14.42 43.39
CA ALA B 372 -5.53 14.21 43.24
C ALA B 372 -4.94 15.17 42.20
N ILE B 373 -5.64 15.40 41.10
CA ILE B 373 -5.13 16.30 40.07
C ILE B 373 -5.11 17.74 40.58
N GLU B 374 -6.15 18.13 41.32
CA GLU B 374 -6.15 19.45 41.95
C GLU B 374 -4.97 19.61 42.88
N VAL B 375 -4.68 18.59 43.69
CA VAL B 375 -3.53 18.62 44.59
C VAL B 375 -2.24 18.79 43.81
N PHE B 376 -2.01 17.93 42.81
CA PHE B 376 -0.77 17.99 42.04
C PHE B 376 -0.59 19.36 41.38
N GLU B 377 -1.66 19.88 40.78
CA GLU B 377 -1.55 21.15 40.08
C GLU B 377 -1.35 22.32 41.05
N ALA B 378 -1.94 22.23 42.25
CA ALA B 378 -1.77 23.30 43.23
C ALA B 378 -0.31 23.40 43.68
N ASN B 379 0.38 22.27 43.83
CA ASN B 379 1.77 22.26 44.25
C ASN B 379 2.74 22.33 43.09
N ARG B 380 2.25 22.65 41.89
CA ARG B 380 3.13 22.72 40.72
C ARG B 380 4.02 23.94 40.79
N ASP B 381 3.41 25.13 40.90
CA ASP B 381 4.17 26.37 40.86
C ASP B 381 5.01 26.56 42.13
N SER B 382 4.59 25.98 43.25
CA SER B 382 5.29 26.20 44.51
C SER B 382 6.35 25.12 44.77
N ASN B 383 5.93 23.86 44.83
CA ASN B 383 6.82 22.76 45.17
C ASN B 383 7.38 22.02 43.96
N GLY B 384 7.08 22.46 42.74
CA GLY B 384 7.59 21.78 41.57
C GLY B 384 7.02 20.40 41.34
N VAL B 385 5.79 20.16 41.76
CA VAL B 385 5.14 18.86 41.57
C VAL B 385 4.45 18.87 40.22
N TRP B 386 4.90 17.98 39.33
CA TRP B 386 4.49 18.01 37.93
C TRP B 386 3.62 16.79 37.63
N TYR B 387 2.40 17.02 37.17
CA TYR B 387 1.47 15.96 36.82
C TYR B 387 1.30 15.88 35.32
N ALA B 388 1.32 14.66 34.79
CA ALA B 388 1.10 14.41 33.38
C ALA B 388 -0.06 13.44 33.21
N PRO B 389 -1.09 13.81 32.47
CA PRO B 389 -2.26 12.93 32.34
C PRO B 389 -1.96 11.74 31.47
N GLY B 390 -2.82 10.73 31.61
CA GLY B 390 -2.62 9.48 30.87
C GLY B 390 -2.61 9.67 29.37
N LYS B 391 -3.48 10.54 28.85
CA LYS B 391 -3.62 10.69 27.40
C LYS B 391 -2.33 11.08 26.72
N ALA B 392 -1.34 11.57 27.48
CA ALA B 392 -0.03 11.87 26.94
C ALA B 392 1.01 10.80 27.28
N ALA B 393 0.98 10.28 28.50
CA ALA B 393 2.02 9.35 28.95
C ALA B 393 1.82 7.95 28.38
N ASN B 394 0.59 7.43 28.42
CA ASN B 394 0.34 6.04 28.04
C ASN B 394 -0.02 5.88 26.57
N CYS B 395 0.19 6.90 25.74
CA CYS B 395 -0.10 6.81 24.32
C CYS B 395 0.93 5.99 23.56
N GLY B 396 1.95 5.47 24.24
CA GLY B 396 2.97 4.67 23.56
C GLY B 396 2.40 3.44 22.89
N GLY B 397 1.49 2.75 23.58
CA GLY B 397 0.91 1.53 23.01
C GLY B 397 0.19 1.79 21.71
N VAL B 398 -0.70 2.78 21.69
CA VAL B 398 -1.44 3.08 20.47
C VAL B 398 -0.53 3.68 19.40
N ALA B 399 0.53 4.38 19.80
CA ALA B 399 1.49 4.89 18.82
C ALA B 399 2.21 3.76 18.13
N VAL B 400 2.68 2.76 18.89
CA VAL B 400 3.35 1.61 18.31
C VAL B 400 2.37 0.79 17.47
N SER B 401 1.11 0.70 17.91
CA SER B 401 0.11 0.03 17.09
C SER B 401 -0.10 0.74 15.76
N GLY B 402 -0.07 2.08 15.76
CA GLY B 402 -0.18 2.82 14.52
C GLY B 402 1.03 2.67 13.61
N LEU B 403 2.22 2.60 14.21
CA LEU B 403 3.41 2.37 13.39
C LEU B 403 3.43 0.95 12.83
N GLU B 404 2.86 -0.02 13.55
CA GLU B 404 2.69 -1.36 13.01
C GLU B 404 1.61 -1.38 11.93
N MET B 405 0.59 -0.52 12.05
CA MET B 405 -0.31 -0.26 10.92
C MET B 405 0.47 0.21 9.70
N ALA B 406 1.46 1.09 9.91
CA ALA B 406 2.32 1.52 8.81
C ALA B 406 3.17 0.39 8.27
N GLN B 407 3.51 -0.60 9.11
CA GLN B 407 4.26 -1.76 8.67
C GLN B 407 3.37 -2.71 7.87
N TRP B 414 9.94 -4.46 11.03
CA TRP B 414 10.91 -3.63 11.74
C TRP B 414 11.47 -4.34 12.96
N THR B 415 12.72 -4.04 13.29
CA THR B 415 13.41 -4.66 14.40
C THR B 415 12.99 -4.03 15.73
N ASN B 416 13.40 -4.66 16.83
CA ASN B 416 13.12 -4.14 18.15
C ASN B 416 13.74 -2.76 18.34
N GLU B 417 14.98 -2.58 17.89
CA GLU B 417 15.68 -1.31 18.08
C GLU B 417 15.00 -0.17 17.32
N GLU B 418 14.60 -0.41 16.08
CA GLU B 418 13.96 0.63 15.28
C GLU B 418 12.64 1.06 15.91
N VAL B 419 11.82 0.09 16.32
CA VAL B 419 10.54 0.40 16.92
C VAL B 419 10.74 1.14 18.25
N ASP B 420 11.69 0.68 19.06
CA ASP B 420 11.97 1.36 20.33
C ASP B 420 12.43 2.79 20.10
N ALA B 421 13.27 3.01 19.08
CA ALA B 421 13.75 4.35 18.79
C ALA B 421 12.61 5.27 18.34
N LYS B 422 11.73 4.77 17.45
CA LYS B 422 10.63 5.62 17.01
C LYS B 422 9.63 5.87 18.13
N LEU B 423 9.41 4.91 19.02
CA LEU B 423 8.56 5.16 20.18
C LEU B 423 9.17 6.20 21.09
N LYS B 424 10.49 6.10 21.34
CA LYS B 424 11.19 7.14 22.10
C LYS B 424 10.97 8.51 21.48
N GLU B 425 11.15 8.62 20.16
CA GLU B 425 10.98 9.89 19.47
C GLU B 425 9.54 10.40 19.61
N ILE B 426 8.56 9.51 19.49
CA ILE B 426 7.17 9.92 19.57
C ILE B 426 6.84 10.43 20.98
N MET B 427 7.33 9.75 22.00
CA MET B 427 7.07 10.21 23.37
C MET B 427 7.76 11.53 23.67
N TYR B 428 9.00 11.68 23.16
CA TYR B 428 9.70 12.94 23.36
C TYR B 428 8.97 14.09 22.68
N THR B 429 8.51 13.86 21.44
CA THR B 429 7.74 14.88 20.73
C THR B 429 6.44 15.19 21.47
N CYS B 430 5.80 14.17 22.04
CA CYS B 430 4.57 14.38 22.79
C CYS B 430 4.82 15.27 24.02
N PHE B 431 5.91 15.00 24.75
CA PHE B 431 6.23 15.84 25.90
C PHE B 431 6.51 17.28 25.48
N GLU B 432 7.34 17.46 24.45
CA GLU B 432 7.64 18.81 23.97
C GLU B 432 6.36 19.51 23.55
N ASN B 433 5.43 18.78 22.94
CA ASN B 433 4.17 19.35 22.51
C ASN B 433 3.33 19.82 23.70
N CYS B 434 3.20 18.96 24.71
CA CYS B 434 2.45 19.35 25.91
C CYS B 434 3.06 20.60 26.55
N TYR B 435 4.39 20.62 26.67
CA TYR B 435 5.07 21.74 27.30
C TYR B 435 4.82 23.04 26.53
N LYS B 436 5.18 23.05 25.24
CA LYS B 436 5.07 24.25 24.42
C LYS B 436 3.62 24.71 24.31
N THR B 437 2.67 23.77 24.21
CA THR B 437 1.28 24.13 24.07
C THR B 437 0.73 24.74 25.35
N ALA B 438 1.08 24.16 26.50
CA ALA B 438 0.67 24.74 27.77
C ALA B 438 1.23 26.15 27.91
N GLN B 439 2.48 26.35 27.50
CA GLN B 439 3.09 27.67 27.59
C GLN B 439 2.38 28.68 26.67
N LYS B 440 2.13 28.30 25.41
CA LYS B 440 1.58 29.25 24.44
C LYS B 440 0.23 29.79 24.86
N TYR B 441 -0.60 28.97 25.52
CA TYR B 441 -1.95 29.39 25.88
C TYR B 441 -2.12 29.51 27.38
N SER B 442 -1.02 29.65 28.12
CA SER B 442 -1.12 29.75 29.57
C SER B 442 -1.74 31.08 29.96
N ILE B 443 -2.87 31.03 30.66
CA ILE B 443 -3.48 32.23 31.21
C ILE B 443 -2.60 32.78 32.32
N GLU B 444 -1.89 31.89 33.02
CA GLU B 444 -1.08 32.29 34.17
C GLU B 444 0.10 33.13 33.71
N LYS B 445 0.95 32.57 32.84
CA LYS B 445 2.11 33.26 32.27
C LYS B 445 3.06 33.73 33.38
N ASN B 446 3.52 32.74 34.16
CA ASN B 446 4.49 32.97 35.23
C ASN B 446 5.67 32.03 35.01
N GLU B 447 6.71 32.51 34.33
CA GLU B 447 7.92 31.70 34.16
C GLU B 447 8.62 31.38 35.47
N ASN B 448 8.11 31.88 36.60
CA ASN B 448 8.56 31.47 37.93
C ASN B 448 7.76 30.23 38.34
N GLY B 449 8.09 29.11 37.73
CA GLY B 449 7.35 27.88 37.93
C GLY B 449 7.33 27.03 36.68
N LEU B 450 6.66 25.89 36.80
CA LEU B 450 6.45 24.84 35.81
C LEU B 450 5.09 24.99 35.14
N PRO B 451 5.03 24.79 33.83
CA PRO B 451 3.75 24.84 33.12
C PRO B 451 2.94 23.57 33.31
N SER B 452 1.63 23.70 33.12
CA SER B 452 0.70 22.61 33.35
C SER B 452 0.74 21.61 32.19
N LEU B 453 1.22 20.40 32.46
CA LEU B 453 1.22 19.37 31.42
C LEU B 453 -0.18 18.85 31.14
N LEU B 454 -1.06 18.91 32.14
CA LEU B 454 -2.46 18.57 31.92
C LEU B 454 -3.06 19.45 30.82
N LYS B 455 -3.06 20.77 31.05
CA LYS B 455 -3.56 21.71 30.06
C LYS B 455 -2.82 21.55 28.74
N GLY B 456 -1.51 21.32 28.79
CA GLY B 456 -0.74 21.11 27.59
C GLY B 456 -1.27 19.98 26.72
N ALA B 457 -1.33 18.77 27.28
CA ALA B 457 -1.77 17.62 26.51
C ALA B 457 -3.21 17.80 26.04
N ASN B 458 -4.10 18.23 26.94
CA ASN B 458 -5.50 18.39 26.56
C ASN B 458 -5.64 19.37 25.41
N ILE B 459 -5.01 20.54 25.52
CA ILE B 459 -5.16 21.57 24.50
C ILE B 459 -4.52 21.14 23.19
N ALA B 460 -3.38 20.43 23.25
CA ALA B 460 -2.73 19.99 22.03
C ALA B 460 -3.60 19.00 21.26
N GLY B 461 -4.07 17.95 21.94
CA GLY B 461 -4.97 17.01 21.29
C GLY B 461 -6.21 17.68 20.77
N PHE B 462 -6.83 18.54 21.59
CA PHE B 462 -8.03 19.26 21.16
C PHE B 462 -7.76 20.07 19.91
N ILE B 463 -6.63 20.76 19.84
CA ILE B 463 -6.35 21.63 18.71
C ILE B 463 -6.20 20.80 17.44
N LYS B 464 -5.45 19.70 17.51
CA LYS B 464 -5.27 18.89 16.31
C LYS B 464 -6.60 18.32 15.82
N VAL B 465 -7.38 17.72 16.74
CA VAL B 465 -8.67 17.16 16.36
C VAL B 465 -9.59 18.24 15.81
N ALA B 466 -9.61 19.42 16.44
CA ALA B 466 -10.54 20.46 16.03
C ALA B 466 -10.15 21.06 14.70
N ASP B 467 -8.86 21.22 14.43
CA ASP B 467 -8.43 21.68 13.12
C ASP B 467 -8.84 20.69 12.05
N ALA B 468 -8.62 19.40 12.29
CA ALA B 468 -9.10 18.39 11.35
C ALA B 468 -10.59 18.53 11.12
N MET B 469 -11.36 18.68 12.19
CA MET B 469 -12.82 18.77 12.06
C MET B 469 -13.25 20.01 11.29
N PHE B 470 -12.51 21.11 11.45
CA PHE B 470 -12.83 22.33 10.70
C PHE B 470 -12.55 22.14 9.22
N ASP B 471 -11.38 21.60 8.88
CA ASP B 471 -11.01 21.40 7.48
C ASP B 471 -12.05 20.57 6.73
N GLN B 472 -12.63 19.58 7.40
CA GLN B 472 -13.56 18.65 6.78
C GLN B 472 -15.01 19.10 6.89
N GLY B 473 -15.26 20.29 7.42
CA GLY B 473 -16.63 20.77 7.50
C GLY B 473 -17.47 20.07 8.55
N ASP B 474 -16.85 19.30 9.44
CA ASP B 474 -17.59 18.70 10.54
C ASP B 474 -17.94 19.72 11.62
N VAL B 475 -17.28 20.87 11.61
CA VAL B 475 -17.60 21.99 12.50
C VAL B 475 -17.53 23.26 11.67
N PHE B 476 -18.43 24.21 11.94
CA PHE B 476 -18.45 25.45 11.17
C PHE B 476 -19.11 26.63 11.90
N GLU C 26 -10.92 -39.44 -7.46
CA GLU C 26 -9.90 -38.39 -7.54
C GLU C 26 -8.52 -38.93 -7.18
N PRO C 27 -7.95 -39.72 -8.09
CA PRO C 27 -6.73 -40.49 -7.75
C PRO C 27 -5.50 -39.64 -7.47
N GLU C 28 -5.27 -38.57 -8.22
CA GLU C 28 -4.07 -37.77 -8.02
C GLU C 28 -4.10 -37.07 -6.66
N PHE C 29 -5.23 -36.42 -6.35
CA PHE C 29 -5.39 -35.83 -5.03
C PHE C 29 -5.24 -36.89 -3.94
N GLN C 30 -5.84 -38.07 -4.14
CA GLN C 30 -5.79 -39.10 -3.11
C GLN C 30 -4.37 -39.57 -2.89
N GLN C 31 -3.58 -39.69 -3.97
CA GLN C 31 -2.17 -40.05 -3.83
C GLN C 31 -1.41 -38.99 -3.03
N ALA C 32 -1.61 -37.71 -3.36
CA ALA C 32 -0.94 -36.65 -2.61
C ALA C 32 -1.34 -36.68 -1.14
N TYR C 33 -2.64 -36.84 -0.87
CA TYR C 33 -3.16 -36.92 0.48
C TYR C 33 -2.52 -38.08 1.24
N ASP C 34 -2.45 -39.25 0.59
CA ASP C 34 -1.85 -40.41 1.23
C ASP C 34 -0.38 -40.19 1.54
N GLU C 35 0.36 -39.61 0.59
CA GLU C 35 1.77 -39.30 0.83
C GLU C 35 1.92 -38.43 2.07
N LEU C 36 1.17 -37.33 2.13
CA LEU C 36 1.32 -36.41 3.26
C LEU C 36 0.90 -37.09 4.57
N VAL C 37 -0.23 -37.78 4.57
CA VAL C 37 -0.76 -38.39 5.79
C VAL C 37 0.21 -39.46 6.30
N SER C 38 0.61 -40.39 5.44
CA SER C 38 1.52 -41.44 5.88
C SER C 38 2.86 -40.88 6.31
N ALA C 39 3.33 -39.78 5.68
CA ALA C 39 4.57 -39.18 6.13
C ALA C 39 4.41 -38.56 7.52
N VAL C 40 3.22 -38.06 7.85
CA VAL C 40 3.04 -37.46 9.15
C VAL C 40 2.83 -38.52 10.24
N GLU C 41 2.03 -39.56 9.95
CA GLU C 41 1.77 -40.58 10.95
C GLU C 41 3.02 -41.38 11.27
N ASP C 42 3.84 -41.66 10.26
CA ASP C 42 5.10 -42.37 10.48
C ASP C 42 6.13 -41.42 11.07
N SER C 43 5.75 -40.79 12.17
CA SER C 43 6.61 -39.82 12.86
C SER C 43 6.09 -39.64 14.26
N THR C 44 6.88 -38.97 15.10
CA THR C 44 6.51 -38.74 16.49
C THR C 44 5.58 -37.55 16.67
N LEU C 45 5.02 -37.03 15.58
CA LEU C 45 4.26 -35.78 15.66
C LEU C 45 2.96 -35.97 16.44
N PHE C 46 2.15 -36.97 16.06
CA PHE C 46 0.89 -37.17 16.75
C PHE C 46 1.07 -37.71 18.16
N LYS C 47 2.21 -38.31 18.45
CA LYS C 47 2.50 -38.72 19.83
C LYS C 47 2.93 -37.53 20.67
N GLU C 48 3.78 -36.66 20.14
CA GLU C 48 4.24 -35.51 20.91
C GLU C 48 3.14 -34.48 21.08
N GLU C 49 2.35 -34.26 20.03
CA GLU C 49 1.19 -33.35 20.10
C GLU C 49 0.02 -33.99 19.36
N PRO C 50 -0.88 -34.67 20.08
CA PRO C 50 -2.00 -35.35 19.40
C PRO C 50 -3.06 -34.40 18.88
N GLN C 51 -2.98 -33.11 19.24
CA GLN C 51 -3.93 -32.14 18.72
C GLN C 51 -3.89 -32.07 17.20
N TYR C 52 -2.70 -32.25 16.61
CA TYR C 52 -2.56 -32.26 15.16
C TYR C 52 -3.37 -33.37 14.51
N LYS C 53 -3.76 -34.39 15.27
CA LYS C 53 -4.64 -35.41 14.72
C LYS C 53 -5.93 -34.83 14.20
N LYS C 54 -6.39 -33.72 14.78
CA LYS C 54 -7.68 -33.14 14.40
C LYS C 54 -7.63 -32.50 13.02
N VAL C 55 -6.46 -32.09 12.55
CA VAL C 55 -6.37 -31.23 11.38
C VAL C 55 -6.61 -32.02 10.10
N ILE C 56 -6.12 -33.27 10.06
CA ILE C 56 -6.15 -34.04 8.81
C ILE C 56 -7.52 -34.04 8.14
N PRO C 57 -8.62 -34.39 8.82
CA PRO C 57 -9.92 -34.42 8.13
C PRO C 57 -10.48 -33.04 7.80
N VAL C 58 -9.94 -31.97 8.39
CA VAL C 58 -10.49 -30.63 8.17
C VAL C 58 -9.81 -29.99 6.96
N VAL C 59 -8.48 -29.88 7.01
CA VAL C 59 -7.75 -29.16 5.98
C VAL C 59 -7.92 -29.83 4.62
N SER C 60 -8.06 -31.15 4.60
CA SER C 60 -8.09 -31.88 3.32
C SER C 60 -9.37 -31.62 2.53
N ILE C 61 -10.40 -31.06 3.15
CA ILE C 61 -11.62 -30.70 2.44
C ILE C 61 -11.54 -29.22 2.07
N PRO C 62 -11.61 -28.87 0.78
CA PRO C 62 -11.38 -27.48 0.38
C PRO C 62 -12.43 -26.55 0.98
N GLU C 63 -11.97 -25.35 1.36
CA GLU C 63 -12.88 -24.35 1.91
C GLU C 63 -13.98 -24.00 0.93
N ARG C 64 -13.68 -24.00 -0.37
CA ARG C 64 -14.68 -23.62 -1.36
C ARG C 64 -14.24 -24.07 -2.73
N ILE C 65 -15.19 -24.59 -3.52
CA ILE C 65 -14.94 -24.91 -4.91
C ILE C 65 -16.06 -24.28 -5.74
N ILE C 66 -15.68 -23.65 -6.85
CA ILE C 66 -16.63 -22.96 -7.71
C ILE C 66 -16.45 -23.51 -9.11
N GLN C 67 -17.43 -24.28 -9.59
CA GLN C 67 -17.56 -24.61 -11.00
C GLN C 67 -18.53 -23.64 -11.65
N PHE C 68 -18.26 -23.28 -12.89
CA PHE C 68 -19.16 -22.39 -13.62
C PHE C 68 -19.04 -22.65 -15.11
N ARG C 69 -20.17 -22.56 -15.80
CA ARG C 69 -20.15 -22.60 -17.25
C ARG C 69 -19.47 -21.36 -17.79
N VAL C 70 -18.65 -21.53 -18.81
CA VAL C 70 -18.03 -20.42 -19.52
C VAL C 70 -18.48 -20.55 -20.96
N THR C 71 -19.42 -19.69 -21.35
CA THR C 71 -19.96 -19.65 -22.70
C THR C 71 -19.28 -18.54 -23.47
N TRP C 72 -18.74 -18.87 -24.64
CA TRP C 72 -18.08 -17.87 -25.46
C TRP C 72 -18.37 -18.18 -26.92
N GLU C 73 -17.75 -17.39 -27.80
CA GLU C 73 -18.06 -17.41 -29.22
C GLU C 73 -16.76 -17.49 -30.00
N ASN C 74 -16.65 -18.47 -30.89
CA ASN C 74 -15.47 -18.58 -31.72
C ASN C 74 -15.58 -17.63 -32.90
N ASP C 75 -14.52 -17.58 -33.73
CA ASP C 75 -14.51 -16.69 -34.88
C ASP C 75 -15.57 -17.06 -35.91
N LYS C 76 -16.06 -18.30 -35.89
CA LYS C 76 -17.13 -18.72 -36.77
C LYS C 76 -18.50 -18.25 -36.32
N GLY C 77 -18.60 -17.56 -35.19
CA GLY C 77 -19.90 -17.20 -34.67
C GLY C 77 -20.66 -18.33 -34.02
N GLU C 78 -19.99 -19.47 -33.79
CA GLU C 78 -20.61 -20.63 -33.16
C GLU C 78 -20.37 -20.60 -31.66
N ILE C 79 -21.32 -21.15 -30.92
CA ILE C 79 -21.26 -21.10 -29.46
C ILE C 79 -20.34 -22.21 -28.95
N GLU C 80 -19.39 -21.83 -28.11
CA GLU C 80 -18.50 -22.76 -27.43
C GLU C 80 -18.76 -22.71 -25.94
N VAL C 81 -18.63 -23.86 -25.28
CA VAL C 81 -18.90 -23.98 -23.86
C VAL C 81 -17.72 -24.70 -23.21
N ASN C 82 -17.29 -24.21 -22.05
CA ASN C 82 -16.24 -24.84 -21.28
C ASN C 82 -16.62 -24.78 -19.80
N ASN C 83 -15.87 -25.50 -18.98
CA ASN C 83 -16.03 -25.44 -17.55
C ASN C 83 -14.88 -24.62 -16.96
N GLY C 84 -15.21 -23.74 -16.01
CA GLY C 84 -14.22 -23.01 -15.25
C GLY C 84 -14.31 -23.36 -13.78
N PHE C 85 -13.16 -23.42 -13.11
CA PHE C 85 -13.07 -23.85 -11.73
C PHE C 85 -12.19 -22.90 -10.94
N ARG C 86 -12.56 -22.69 -9.69
CA ARG C 86 -11.67 -22.10 -8.69
C ARG C 86 -11.78 -22.93 -7.43
N VAL C 87 -10.68 -23.60 -7.07
CA VAL C 87 -10.59 -24.38 -5.84
C VAL C 87 -9.82 -23.51 -4.85
N GLN C 88 -10.54 -22.91 -3.90
CA GLN C 88 -9.94 -22.19 -2.80
C GLN C 88 -9.84 -23.20 -1.65
N TYR C 89 -8.66 -23.80 -1.50
CA TYR C 89 -8.52 -24.99 -0.65
C TYR C 89 -8.33 -24.60 0.80
N ASN C 90 -7.35 -23.75 1.09
CA ASN C 90 -7.04 -23.40 2.47
C ASN C 90 -6.50 -21.98 2.50
N SER C 91 -7.04 -21.16 3.41
CA SER C 91 -6.66 -19.76 3.53
C SER C 91 -6.08 -19.44 4.90
N ALA C 92 -5.63 -20.46 5.64
CA ALA C 92 -5.19 -20.25 7.02
C ALA C 92 -3.96 -19.36 7.11
N LEU C 93 -3.02 -19.53 6.18
CA LEU C 93 -1.78 -18.75 6.19
C LEU C 93 -1.90 -17.41 5.47
N GLY C 94 -2.95 -17.20 4.67
CA GLY C 94 -3.12 -15.97 3.92
C GLY C 94 -4.19 -16.14 2.86
N PRO C 95 -4.33 -15.15 1.99
CA PRO C 95 -5.29 -15.28 0.90
C PRO C 95 -4.94 -16.45 -0.02
N TYR C 96 -5.98 -17.08 -0.58
CA TYR C 96 -5.76 -18.16 -1.53
C TYR C 96 -4.81 -17.69 -2.64
N LYS C 97 -3.83 -18.52 -2.97
CA LYS C 97 -2.83 -18.15 -3.95
C LYS C 97 -2.60 -19.33 -4.89
N GLY C 98 -2.56 -19.06 -6.18
CA GLY C 98 -2.40 -20.17 -7.11
C GLY C 98 -2.63 -19.73 -8.53
N GLY C 99 -2.27 -20.64 -9.44
CA GLY C 99 -2.34 -20.33 -10.85
C GLY C 99 -3.70 -20.61 -11.47
N LEU C 100 -3.84 -20.18 -12.71
CA LEU C 100 -4.93 -20.58 -13.58
C LEU C 100 -4.36 -21.43 -14.71
N ARG C 101 -4.97 -22.57 -14.98
CA ARG C 101 -4.51 -23.47 -16.03
C ARG C 101 -5.61 -23.62 -17.08
N PHE C 102 -5.32 -23.21 -18.30
CA PHE C 102 -6.23 -23.40 -19.43
C PHE C 102 -5.70 -24.59 -20.24
N HIS C 103 -6.31 -25.75 -20.05
CA HIS C 103 -5.84 -26.95 -20.73
C HIS C 103 -6.95 -27.99 -20.70
N PRO C 104 -7.15 -28.76 -21.77
CA PRO C 104 -8.28 -29.69 -21.81
C PRO C 104 -8.24 -30.77 -20.73
N THR C 105 -7.07 -31.01 -20.12
CA THR C 105 -6.95 -31.99 -19.06
C THR C 105 -7.52 -31.50 -17.73
N VAL C 106 -7.99 -30.27 -17.64
CA VAL C 106 -8.36 -29.65 -16.37
C VAL C 106 -9.75 -30.10 -15.95
N ASN C 107 -9.84 -30.62 -14.72
CA ASN C 107 -11.13 -30.92 -14.10
C ASN C 107 -11.04 -30.64 -12.61
N LEU C 108 -12.14 -30.91 -11.91
CA LEU C 108 -12.17 -30.66 -10.47
C LEU C 108 -11.13 -31.51 -9.74
N SER C 109 -10.92 -32.74 -10.19
CA SER C 109 -10.00 -33.65 -9.50
C SER C 109 -8.55 -33.17 -9.60
N ILE C 110 -8.11 -32.83 -10.82
CA ILE C 110 -6.73 -32.39 -11.01
C ILE C 110 -6.49 -31.08 -10.26
N LEU C 111 -7.46 -30.17 -10.31
CA LEU C 111 -7.29 -28.90 -9.62
C LEU C 111 -7.37 -29.08 -8.11
N LYS C 112 -8.15 -30.04 -7.62
CA LYS C 112 -8.14 -30.38 -6.20
C LYS C 112 -6.76 -30.85 -5.78
N PHE C 113 -6.18 -31.77 -6.56
CA PHE C 113 -4.84 -32.25 -6.26
C PHE C 113 -3.84 -31.09 -6.26
N LEU C 114 -3.92 -30.23 -7.27
CA LEU C 114 -2.97 -29.13 -7.40
C LEU C 114 -3.12 -28.13 -6.27
N GLY C 115 -4.34 -27.75 -5.90
CA GLY C 115 -4.54 -26.83 -4.80
C GLY C 115 -4.16 -27.43 -3.46
N PHE C 116 -4.46 -28.72 -3.26
CA PHE C 116 -4.02 -29.40 -2.05
C PHE C 116 -2.51 -29.33 -1.91
N GLU C 117 -1.78 -29.67 -2.97
CA GLU C 117 -0.34 -29.50 -2.94
C GLU C 117 0.03 -28.04 -2.68
N GLN C 118 -0.69 -27.10 -3.31
CA GLN C 118 -0.34 -25.69 -3.21
C GLN C 118 -0.42 -25.19 -1.79
N ILE C 119 -1.36 -25.70 -0.99
CA ILE C 119 -1.46 -25.30 0.42
C ILE C 119 -0.09 -25.40 1.09
N PHE C 120 0.46 -26.62 1.09
CA PHE C 120 1.70 -26.87 1.81
C PHE C 120 2.91 -26.34 1.06
N LYS C 121 2.86 -26.30 -0.27
CA LYS C 121 3.93 -25.67 -1.04
C LYS C 121 4.10 -24.21 -0.61
N ASN C 122 3.00 -23.46 -0.58
CA ASN C 122 3.04 -22.09 -0.13
C ASN C 122 3.46 -22.01 1.33
N ALA C 123 2.98 -22.96 2.15
CA ALA C 123 3.41 -22.99 3.54
C ALA C 123 4.93 -23.06 3.65
N LEU C 124 5.55 -23.89 2.81
CA LEU C 124 6.99 -24.09 2.84
C LEU C 124 7.76 -22.92 2.25
N THR C 125 7.14 -22.12 1.39
CA THR C 125 7.81 -20.89 0.97
C THR C 125 7.99 -19.89 2.11
N GLY C 126 7.37 -20.11 3.26
CA GLY C 126 7.44 -19.17 4.37
C GLY C 126 6.71 -17.87 4.17
N LEU C 127 5.93 -17.74 3.10
CA LEU C 127 5.13 -16.56 2.83
C LEU C 127 3.70 -16.76 3.31
N SER C 128 3.01 -15.64 3.56
CA SER C 128 1.61 -15.68 3.97
C SER C 128 0.73 -15.87 2.74
N MET C 129 0.71 -17.10 2.23
CA MET C 129 -0.05 -17.46 1.05
C MET C 129 -0.86 -18.71 1.35
N GLY C 130 -2.18 -18.61 1.21
CA GLY C 130 -3.05 -19.77 1.27
C GLY C 130 -2.93 -20.62 0.01
N GLY C 131 -3.73 -21.68 -0.02
CA GLY C 131 -3.70 -22.65 -1.10
C GLY C 131 -4.91 -22.54 -2.00
N GLY C 132 -4.66 -22.50 -3.30
CA GLY C 132 -5.74 -22.49 -4.26
C GLY C 132 -5.22 -22.78 -5.65
N LYS C 133 -6.14 -23.16 -6.54
CA LYS C 133 -5.79 -23.46 -7.92
C LYS C 133 -7.06 -23.44 -8.76
N GLY C 134 -6.94 -22.95 -9.99
CA GLY C 134 -8.12 -22.86 -10.83
C GLY C 134 -7.83 -22.96 -12.32
N GLY C 135 -8.83 -22.69 -13.13
CA GLY C 135 -8.65 -22.77 -14.56
C GLY C 135 -9.84 -23.30 -15.34
N SER C 136 -9.56 -23.98 -16.44
CA SER C 136 -10.61 -24.38 -17.37
C SER C 136 -10.05 -25.42 -18.34
N ASP C 137 -10.95 -26.28 -18.84
CA ASP C 137 -10.60 -27.22 -19.90
C ASP C 137 -10.54 -26.56 -21.28
N PHE C 138 -10.69 -25.24 -21.32
CA PHE C 138 -10.49 -24.48 -22.55
C PHE C 138 -9.12 -24.80 -23.14
N ASN C 139 -9.10 -25.12 -24.43
CA ASN C 139 -7.85 -25.47 -25.09
C ASN C 139 -7.40 -24.30 -25.94
N PRO C 140 -6.40 -23.52 -25.52
CA PRO C 140 -5.99 -22.37 -26.32
C PRO C 140 -5.09 -22.71 -27.51
N LYS C 141 -4.71 -23.98 -27.67
CA LYS C 141 -3.85 -24.35 -28.78
C LYS C 141 -4.59 -24.20 -30.10
N ASN C 142 -3.90 -23.66 -31.10
CA ASN C 142 -4.45 -23.45 -32.44
C ASN C 142 -5.75 -22.65 -32.38
N ARG C 143 -5.75 -21.62 -31.55
CA ARG C 143 -6.90 -20.75 -31.35
C ARG C 143 -6.49 -19.32 -31.67
N SER C 144 -7.37 -18.58 -32.33
CA SER C 144 -7.02 -17.21 -32.66
C SER C 144 -6.97 -16.36 -31.40
N ASP C 145 -6.24 -15.26 -31.50
CA ASP C 145 -6.18 -14.32 -30.38
C ASP C 145 -7.56 -13.80 -30.03
N ASN C 146 -8.43 -13.64 -31.03
CA ASN C 146 -9.78 -13.18 -30.74
C ASN C 146 -10.57 -14.22 -29.96
N GLU C 147 -10.44 -15.50 -30.32
CA GLU C 147 -11.14 -16.54 -29.58
C GLU C 147 -10.62 -16.66 -28.16
N ILE C 148 -9.30 -16.55 -27.98
CA ILE C 148 -8.72 -16.54 -26.64
C ILE C 148 -9.23 -15.35 -25.85
N ARG C 149 -9.33 -14.19 -26.50
CA ARG C 149 -9.82 -13.00 -25.83
C ARG C 149 -11.26 -13.17 -25.38
N ARG C 150 -12.12 -13.71 -26.27
CA ARG C 150 -13.51 -13.89 -25.92
C ARG C 150 -13.67 -14.88 -24.77
N PHE C 151 -12.91 -15.97 -24.80
CA PHE C 151 -12.98 -16.91 -23.68
C PHE C 151 -12.51 -16.26 -22.39
N CYS C 152 -11.40 -15.53 -22.44
CA CYS C 152 -10.90 -14.87 -21.25
C CYS C 152 -11.92 -13.91 -20.68
N VAL C 153 -12.58 -13.14 -21.53
CA VAL C 153 -13.60 -12.21 -21.06
C VAL C 153 -14.72 -12.97 -20.35
N SER C 154 -15.23 -14.03 -20.99
CA SER C 154 -16.33 -14.79 -20.41
C SER C 154 -15.93 -15.42 -19.08
N PHE C 155 -14.74 -16.05 -19.05
CA PHE C 155 -14.26 -16.73 -17.85
C PHE C 155 -14.06 -15.74 -16.70
N MET C 156 -13.45 -14.59 -16.97
CA MET C 156 -13.24 -13.61 -15.92
C MET C 156 -14.56 -12.99 -15.47
N ARG C 157 -15.50 -12.80 -16.38
CA ARG C 157 -16.81 -12.33 -15.97
C ARG C 157 -17.50 -13.33 -15.07
N GLN C 158 -17.25 -14.63 -15.27
CA GLN C 158 -17.88 -15.64 -14.43
C GLN C 158 -17.10 -15.88 -13.14
N LEU C 159 -15.82 -15.48 -13.08
CA LEU C 159 -14.97 -15.76 -11.93
C LEU C 159 -14.74 -14.56 -11.03
N ALA C 160 -14.86 -13.33 -11.55
CA ALA C 160 -14.47 -12.15 -10.78
C ALA C 160 -15.29 -12.01 -9.52
N ARG C 161 -16.49 -12.57 -9.51
CA ARG C 161 -17.33 -12.59 -8.32
C ARG C 161 -16.62 -13.16 -7.10
N TYR C 162 -15.58 -13.99 -7.29
CA TYR C 162 -14.99 -14.75 -6.19
C TYR C 162 -13.49 -14.52 -6.02
N ILE C 163 -12.91 -13.44 -6.54
CA ILE C 163 -11.48 -13.18 -6.36
C ILE C 163 -11.26 -11.71 -6.00
N GLY C 164 -10.00 -11.38 -5.71
CA GLY C 164 -9.59 -10.07 -5.28
C GLY C 164 -8.20 -10.15 -4.68
N PRO C 165 -7.54 -9.01 -4.47
CA PRO C 165 -6.19 -9.04 -3.90
C PRO C 165 -6.16 -9.53 -2.45
N ASP C 166 -7.22 -9.29 -1.68
CA ASP C 166 -7.31 -9.75 -0.30
C ASP C 166 -8.09 -11.04 -0.15
N THR C 167 -8.60 -11.60 -1.24
CA THR C 167 -9.41 -12.82 -1.21
C THR C 167 -8.72 -13.98 -1.90
N ASP C 168 -8.36 -13.82 -3.18
CA ASP C 168 -7.87 -14.94 -3.98
C ASP C 168 -7.04 -14.38 -5.12
N VAL C 169 -5.77 -14.78 -5.19
CA VAL C 169 -4.84 -14.28 -6.19
C VAL C 169 -4.47 -15.39 -7.17
N PRO C 170 -5.06 -15.35 -8.37
CA PRO C 170 -4.60 -16.22 -9.45
C PRO C 170 -3.38 -15.64 -10.14
N ALA C 171 -2.59 -16.54 -10.73
CA ALA C 171 -1.42 -16.18 -11.51
C ALA C 171 -1.40 -17.05 -12.76
N GLY C 172 -0.32 -16.96 -13.52
CA GLY C 172 -0.22 -17.70 -14.77
C GLY C 172 0.34 -19.10 -14.61
N ASP C 173 -0.11 -20.01 -15.47
CA ASP C 173 0.35 -21.39 -15.44
C ASP C 173 0.30 -21.95 -16.87
N ILE C 174 0.16 -23.27 -17.00
CA ILE C 174 0.04 -23.88 -18.33
C ILE C 174 -1.20 -23.34 -19.04
N GLY C 175 -0.98 -22.71 -20.20
CA GLY C 175 -2.05 -22.19 -21.01
C GLY C 175 -2.47 -20.75 -20.69
N VAL C 176 -1.97 -20.18 -19.59
CA VAL C 176 -2.27 -18.81 -19.22
C VAL C 176 -0.96 -18.04 -19.20
N GLY C 177 -0.75 -17.20 -20.22
CA GLY C 177 0.47 -16.42 -20.30
C GLY C 177 0.19 -14.93 -20.32
N GLY C 178 1.17 -14.14 -20.75
CA GLY C 178 1.01 -12.69 -20.77
C GLY C 178 -0.25 -12.24 -21.52
N ARG C 179 -0.54 -12.89 -22.64
CA ARG C 179 -1.71 -12.51 -23.43
C ARG C 179 -3.00 -12.82 -22.66
N GLU C 180 -3.11 -14.04 -22.15
CA GLU C 180 -4.28 -14.41 -21.37
C GLU C 180 -4.44 -13.53 -20.15
N VAL C 181 -3.33 -13.25 -19.46
CA VAL C 181 -3.39 -12.39 -18.27
C VAL C 181 -3.84 -10.98 -18.64
N GLY C 182 -3.35 -10.47 -19.78
CA GLY C 182 -3.79 -9.14 -20.22
C GLY C 182 -5.28 -9.08 -20.48
N PHE C 183 -5.80 -10.06 -21.22
CA PHE C 183 -7.24 -10.08 -21.50
C PHE C 183 -8.06 -10.23 -20.22
N LEU C 184 -7.63 -11.14 -19.33
CA LEU C 184 -8.32 -11.32 -18.05
C LEU C 184 -8.34 -10.04 -17.25
N PHE C 185 -7.20 -9.34 -17.21
CA PHE C 185 -7.11 -8.08 -16.49
C PHE C 185 -8.02 -7.02 -17.10
N GLY C 186 -8.10 -6.98 -18.43
CA GLY C 186 -9.01 -6.04 -19.06
C GLY C 186 -10.45 -6.27 -18.67
N ALA C 187 -10.88 -7.54 -18.69
CA ALA C 187 -12.24 -7.87 -18.28
C ALA C 187 -12.48 -7.50 -16.83
N TYR C 188 -11.54 -7.87 -15.94
CA TYR C 188 -11.67 -7.54 -14.52
C TYR C 188 -11.75 -6.04 -14.30
N LYS C 189 -10.91 -5.26 -15.01
CA LYS C 189 -10.91 -3.81 -14.82
C LYS C 189 -12.21 -3.19 -15.30
N GLN C 190 -12.75 -3.68 -16.43
CA GLN C 190 -14.03 -3.17 -16.90
C GLN C 190 -15.16 -3.56 -15.95
N MET C 191 -15.03 -4.71 -15.29
CA MET C 191 -16.08 -5.22 -14.44
C MET C 191 -16.12 -4.47 -13.11
N ARG C 192 -14.97 -4.35 -12.43
CA ARG C 192 -14.90 -3.61 -11.17
C ARG C 192 -14.94 -2.10 -11.36
N ASN C 193 -15.01 -1.63 -12.61
CA ASN C 193 -15.12 -0.20 -12.94
C ASN C 193 -13.95 0.61 -12.39
N ILE C 211 10.00 -12.12 -14.37
CA ILE C 211 11.08 -12.82 -13.69
C ILE C 211 10.63 -14.19 -13.18
N ARG C 212 9.44 -14.63 -13.61
CA ARG C 212 8.85 -15.90 -13.20
C ARG C 212 9.46 -17.15 -13.85
N PRO C 213 9.85 -17.11 -15.14
CA PRO C 213 10.11 -18.38 -15.85
C PRO C 213 11.18 -19.24 -15.20
N GLU C 214 12.23 -18.63 -14.64
CA GLU C 214 13.31 -19.40 -14.04
C GLU C 214 13.08 -19.75 -12.59
N ALA C 215 12.08 -19.13 -11.93
CA ALA C 215 11.92 -19.27 -10.49
C ALA C 215 11.88 -20.72 -10.04
N THR C 216 11.02 -21.53 -10.67
CA THR C 216 10.81 -22.89 -10.19
C THR C 216 12.06 -23.75 -10.36
N GLY C 217 12.62 -23.78 -11.57
CA GLY C 217 13.79 -24.61 -11.80
C GLY C 217 14.99 -24.16 -11.00
N TYR C 218 15.28 -22.86 -11.01
CA TYR C 218 16.37 -22.32 -10.20
C TYR C 218 16.19 -22.66 -8.73
N GLY C 219 14.97 -22.51 -8.21
CA GLY C 219 14.73 -22.81 -6.81
C GLY C 219 14.92 -24.28 -6.49
N CYS C 220 14.42 -25.17 -7.36
CA CYS C 220 14.66 -26.59 -7.22
C CYS C 220 16.16 -26.90 -7.15
N VAL C 221 16.92 -26.30 -8.07
CA VAL C 221 18.36 -26.57 -8.10
C VAL C 221 19.06 -26.01 -6.88
N TYR C 222 18.62 -24.85 -6.38
CA TYR C 222 19.18 -24.31 -5.15
C TYR C 222 18.88 -25.23 -3.97
N TYR C 223 17.67 -25.79 -3.92
CA TYR C 223 17.33 -26.74 -2.87
C TYR C 223 18.23 -27.97 -2.92
N VAL C 224 18.49 -28.48 -4.12
CA VAL C 224 19.39 -29.63 -4.23
C VAL C 224 20.83 -29.21 -3.95
N GLU C 225 21.19 -27.96 -4.23
CA GLU C 225 22.49 -27.43 -3.83
C GLU C 225 22.67 -27.56 -2.33
N LYS C 226 21.69 -27.09 -1.57
CA LYS C 226 21.78 -27.22 -0.11
C LYS C 226 21.74 -28.67 0.32
N MET C 227 21.00 -29.52 -0.42
CA MET C 227 20.97 -30.94 -0.11
C MET C 227 22.37 -31.55 -0.19
N ILE C 228 23.05 -31.34 -1.32
CA ILE C 228 24.40 -31.86 -1.51
C ILE C 228 25.35 -31.26 -0.47
N GLU C 229 25.31 -29.94 -0.31
CA GLU C 229 26.17 -29.28 0.66
C GLU C 229 26.02 -29.86 2.06
N LYS C 230 24.78 -30.13 2.49
CA LYS C 230 24.57 -30.67 3.82
C LYS C 230 25.02 -32.12 3.90
N ALA C 231 24.68 -32.94 2.89
CA ALA C 231 24.94 -34.37 2.95
C ALA C 231 26.42 -34.71 2.87
N THR C 232 27.27 -33.79 2.40
CA THR C 232 28.69 -34.06 2.24
C THR C 232 29.56 -33.08 3.04
N ASN C 233 28.97 -32.38 4.02
CA ASN C 233 29.69 -31.43 4.85
C ASN C 233 30.43 -30.38 4.02
N GLY C 234 29.78 -29.91 2.95
CA GLY C 234 30.35 -28.87 2.12
C GLY C 234 31.40 -29.34 1.13
N LYS C 235 31.75 -30.63 1.15
CA LYS C 235 32.84 -31.11 0.29
C LYS C 235 32.41 -31.17 -1.17
N GLU C 236 31.17 -31.55 -1.44
CA GLU C 236 30.68 -31.71 -2.80
C GLU C 236 29.62 -30.66 -3.11
N THR C 237 29.55 -30.26 -4.37
CA THR C 237 28.51 -29.36 -4.84
C THR C 237 27.91 -29.97 -6.12
N PHE C 238 27.22 -29.13 -6.90
CA PHE C 238 26.76 -29.56 -8.21
C PHE C 238 27.91 -29.70 -9.20
N LYS C 239 29.08 -29.15 -8.90
CA LYS C 239 30.24 -29.26 -9.76
C LYS C 239 30.56 -30.72 -10.05
N GLY C 240 30.58 -31.08 -11.33
CA GLY C 240 30.90 -32.43 -11.73
C GLY C 240 29.88 -33.47 -11.31
N LYS C 241 28.61 -33.09 -11.22
CA LYS C 241 27.54 -34.03 -10.91
C LYS C 241 26.76 -34.34 -12.18
N ARG C 242 26.59 -35.61 -12.47
CA ARG C 242 25.74 -36.04 -13.57
C ARG C 242 24.28 -35.95 -13.14
N VAL C 243 23.49 -35.17 -13.86
CA VAL C 243 22.13 -34.82 -13.47
C VAL C 243 21.18 -35.24 -14.58
N ALA C 244 20.27 -36.15 -14.26
CA ALA C 244 19.29 -36.68 -15.20
C ALA C 244 17.97 -35.95 -14.98
N ILE C 245 17.54 -35.19 -15.98
CA ILE C 245 16.32 -34.40 -15.92
C ILE C 245 15.33 -34.97 -16.93
N SER C 246 14.06 -35.03 -16.54
CA SER C 246 12.99 -35.39 -17.46
C SER C 246 12.14 -34.16 -17.76
N GLY C 247 11.37 -34.25 -18.84
CA GLY C 247 10.56 -33.14 -19.27
C GLY C 247 11.37 -32.08 -19.99
N SER C 248 10.64 -31.22 -20.72
CA SER C 248 11.28 -30.17 -21.49
C SER C 248 10.54 -28.84 -21.38
N GLY C 249 9.68 -28.68 -20.37
CA GLY C 249 8.97 -27.45 -20.14
C GLY C 249 9.77 -26.45 -19.34
N ASN C 250 9.05 -25.48 -18.78
CA ASN C 250 9.67 -24.38 -18.06
C ASN C 250 10.58 -24.88 -16.93
N VAL C 251 10.02 -25.73 -16.05
CA VAL C 251 10.75 -26.24 -14.90
C VAL C 251 12.03 -26.93 -15.35
N ALA C 252 11.91 -27.92 -16.23
CA ALA C 252 13.06 -28.70 -16.67
C ALA C 252 14.10 -27.82 -17.36
N GLN C 253 13.65 -26.93 -18.24
CA GLN C 253 14.56 -26.04 -18.95
C GLN C 253 15.44 -25.25 -17.97
N TYR C 254 14.79 -24.50 -17.08
CA TYR C 254 15.60 -23.62 -16.24
C TYR C 254 16.35 -24.39 -15.15
N ALA C 255 15.84 -25.55 -14.73
CA ALA C 255 16.59 -26.42 -13.85
C ALA C 255 17.89 -26.86 -14.53
N ALA C 256 17.80 -27.29 -15.79
CA ALA C 256 19.00 -27.68 -16.53
C ALA C 256 19.96 -26.50 -16.69
N LEU C 257 19.43 -25.31 -16.98
CA LEU C 257 20.31 -24.16 -17.13
C LEU C 257 21.06 -23.87 -15.83
N LYS C 258 20.39 -23.97 -14.69
CA LYS C 258 21.08 -23.71 -13.42
C LYS C 258 22.05 -24.84 -13.07
N VAL C 259 21.71 -26.08 -13.43
CA VAL C 259 22.66 -27.18 -13.26
C VAL C 259 23.94 -26.90 -14.04
N ILE C 260 23.79 -26.46 -15.29
CA ILE C 260 24.95 -26.09 -16.11
C ILE C 260 25.75 -25.00 -15.42
N GLU C 261 25.06 -23.91 -15.05
CA GLU C 261 25.74 -22.74 -14.49
C GLU C 261 26.58 -23.11 -13.26
N LEU C 262 26.11 -24.07 -12.46
CA LEU C 262 26.79 -24.45 -11.23
C LEU C 262 27.85 -25.52 -11.44
N GLY C 263 28.10 -25.93 -12.69
CA GLY C 263 29.15 -26.88 -12.99
C GLY C 263 28.73 -28.33 -13.11
N GLY C 264 27.43 -28.61 -13.18
CA GLY C 264 26.96 -29.96 -13.41
C GLY C 264 26.89 -30.30 -14.89
N THR C 265 26.56 -31.56 -15.16
CA THR C 265 26.42 -32.05 -16.53
C THR C 265 25.00 -32.58 -16.71
N VAL C 266 24.22 -31.92 -17.57
CA VAL C 266 22.83 -32.31 -17.81
C VAL C 266 22.85 -33.47 -18.80
N VAL C 267 22.52 -34.67 -18.30
CA VAL C 267 22.67 -35.87 -19.12
C VAL C 267 21.40 -36.28 -19.85
N SER C 268 20.25 -35.67 -19.54
CA SER C 268 19.03 -36.10 -20.19
C SER C 268 17.96 -35.02 -20.14
N LEU C 269 17.05 -35.07 -21.12
CA LEU C 269 15.75 -34.41 -21.07
C LEU C 269 14.72 -35.34 -21.69
N SER C 270 13.45 -34.95 -21.71
CA SER C 270 12.41 -35.80 -22.26
C SER C 270 11.18 -34.97 -22.62
N ASP C 271 10.18 -35.64 -23.18
CA ASP C 271 8.87 -35.04 -23.43
C ASP C 271 7.85 -36.18 -23.48
N SER C 272 6.66 -35.89 -24.02
CA SER C 272 5.59 -36.88 -24.04
C SER C 272 5.87 -38.08 -24.94
N LYS C 273 6.84 -37.98 -25.85
CA LYS C 273 7.09 -39.06 -26.81
C LYS C 273 8.40 -39.79 -26.60
N GLY C 274 9.43 -39.13 -26.07
CA GLY C 274 10.68 -39.84 -25.87
C GLY C 274 11.65 -39.00 -25.07
N SER C 275 12.81 -39.61 -24.81
CA SER C 275 13.87 -38.97 -24.05
C SER C 275 15.08 -38.72 -24.95
N ILE C 276 15.94 -37.81 -24.50
CA ILE C 276 17.21 -37.53 -25.15
C ILE C 276 18.30 -37.60 -24.09
N ILE C 277 19.40 -38.27 -24.45
CA ILE C 277 20.53 -38.51 -23.55
C ILE C 277 21.81 -38.02 -24.20
N SER C 278 22.66 -37.36 -23.40
CA SER C 278 24.00 -36.97 -23.79
C SER C 278 24.97 -37.38 -22.70
N LYS C 279 26.26 -37.43 -23.06
CA LYS C 279 27.31 -37.83 -22.13
C LYS C 279 28.26 -36.70 -21.76
N ASN C 280 28.40 -35.69 -22.61
CA ASN C 280 29.22 -34.53 -22.26
C ASN C 280 28.46 -33.49 -21.46
N GLY C 281 27.13 -33.56 -21.45
CA GLY C 281 26.29 -32.56 -20.82
C GLY C 281 25.63 -31.69 -21.88
N ILE C 282 24.35 -31.41 -21.69
CA ILE C 282 23.60 -30.57 -22.60
C ILE C 282 24.01 -29.12 -22.38
N THR C 283 24.15 -28.38 -23.47
CA THR C 283 24.61 -26.99 -23.42
C THR C 283 23.44 -26.04 -23.28
N ALA C 284 23.76 -24.80 -22.87
CA ALA C 284 22.73 -23.77 -22.72
C ALA C 284 22.09 -23.42 -24.06
N ASP C 285 22.88 -23.42 -25.14
CA ASP C 285 22.34 -23.12 -26.46
C ASP C 285 21.32 -24.16 -26.88
N GLN C 286 21.60 -25.43 -26.60
CA GLN C 286 20.63 -26.49 -26.89
C GLN C 286 19.34 -26.29 -26.10
N VAL C 287 19.46 -25.86 -24.84
CA VAL C 287 18.28 -25.61 -24.02
C VAL C 287 17.45 -24.45 -24.60
N TYR C 288 18.12 -23.36 -25.02
CA TYR C 288 17.38 -22.25 -25.59
C TYR C 288 16.68 -22.65 -26.88
N ALA C 289 17.36 -23.47 -27.70
CA ALA C 289 16.75 -23.98 -28.92
C ALA C 289 15.53 -24.84 -28.62
N ILE C 290 15.65 -25.73 -27.63
CA ILE C 290 14.53 -26.59 -27.25
C ILE C 290 13.37 -25.76 -26.74
N ALA C 291 13.65 -24.69 -26.02
CA ALA C 291 12.59 -23.80 -25.54
C ALA C 291 11.86 -23.14 -26.72
N ALA C 292 12.63 -22.56 -27.65
CA ALA C 292 12.03 -21.92 -28.81
C ALA C 292 11.20 -22.91 -29.62
N ALA C 293 11.66 -24.15 -29.74
CA ALA C 293 10.94 -25.15 -30.53
C ALA C 293 9.70 -25.68 -29.81
N LYS C 294 9.79 -25.85 -28.49
CA LYS C 294 8.63 -26.30 -27.72
C LYS C 294 7.56 -25.23 -27.67
N LEU C 295 7.94 -23.96 -27.81
CA LEU C 295 6.94 -22.92 -27.98
C LEU C 295 6.13 -23.13 -29.26
N LYS C 296 6.71 -23.81 -30.25
CA LYS C 296 5.98 -24.21 -31.45
C LYS C 296 5.33 -25.58 -31.33
N PHE C 297 5.39 -26.19 -30.15
CA PHE C 297 4.77 -27.50 -29.88
C PHE C 297 5.36 -28.58 -30.78
N LYS C 298 6.68 -28.71 -30.74
CA LYS C 298 7.43 -29.63 -31.58
C LYS C 298 8.05 -30.74 -30.75
N SER C 299 7.96 -31.96 -31.25
CA SER C 299 8.53 -33.12 -30.57
C SER C 299 10.05 -33.02 -30.51
N LEU C 300 10.63 -33.54 -29.43
CA LEU C 300 12.09 -33.58 -29.32
C LEU C 300 12.73 -34.27 -30.51
N GLU C 301 12.08 -35.32 -30.99
CA GLU C 301 12.46 -35.94 -32.26
C GLU C 301 12.57 -34.89 -33.37
N GLU C 302 11.49 -34.13 -33.57
CA GLU C 302 11.47 -33.15 -34.65
C GLU C 302 12.43 -31.99 -34.41
N ILE C 303 12.73 -31.66 -33.15
CA ILE C 303 13.62 -30.53 -32.89
C ILE C 303 15.08 -30.94 -33.11
N VAL C 304 15.46 -32.16 -32.72
CA VAL C 304 16.81 -32.60 -33.05
C VAL C 304 16.94 -32.91 -34.53
N ALA C 305 15.81 -33.15 -35.21
CA ALA C 305 15.86 -33.26 -36.67
C ALA C 305 16.07 -31.90 -37.33
N ASP C 306 15.37 -30.88 -36.86
CA ASP C 306 15.38 -29.58 -37.54
C ASP C 306 16.66 -28.77 -37.28
N SER C 307 17.39 -29.06 -36.21
CA SER C 307 18.64 -28.37 -35.90
C SER C 307 19.75 -29.42 -35.72
N VAL C 308 20.14 -30.03 -36.84
CA VAL C 308 21.14 -31.10 -36.82
C VAL C 308 22.47 -30.57 -36.33
N GLN C 309 22.87 -29.38 -36.80
CA GLN C 309 24.21 -28.88 -36.49
C GLN C 309 24.39 -28.64 -35.00
N LEU C 310 23.33 -28.16 -34.32
CA LEU C 310 23.44 -27.86 -32.90
C LEU C 310 23.42 -29.13 -32.05
N PHE C 311 22.79 -30.19 -32.54
CA PHE C 311 22.56 -31.40 -31.74
C PHE C 311 23.34 -32.61 -32.28
N SER C 312 24.31 -32.38 -33.16
CA SER C 312 25.06 -33.46 -33.78
C SER C 312 26.57 -33.29 -33.72
N GLY C 313 27.07 -32.11 -33.36
CA GLY C 313 28.51 -31.89 -33.32
C GLY C 313 29.19 -32.57 -32.16
N ASP C 314 30.13 -31.86 -31.52
CA ASP C 314 30.75 -32.37 -30.30
C ASP C 314 29.72 -32.70 -29.22
N HIS C 315 28.63 -31.93 -29.17
CA HIS C 315 27.59 -32.10 -28.16
C HIS C 315 26.38 -32.83 -28.72
N SER C 316 26.62 -33.93 -29.43
CA SER C 316 25.52 -34.70 -30.00
C SER C 316 24.71 -35.35 -28.89
N VAL C 317 23.47 -35.70 -29.23
CA VAL C 317 22.51 -36.25 -28.28
C VAL C 317 21.75 -37.36 -29.00
N GLU C 318 21.40 -38.40 -28.25
CA GLU C 318 20.64 -39.53 -28.80
C GLU C 318 19.22 -39.54 -28.26
N TYR C 319 18.25 -39.61 -29.17
CA TYR C 319 16.83 -39.65 -28.85
C TYR C 319 16.30 -41.07 -28.92
N LEU C 320 15.72 -41.55 -27.81
CA LEU C 320 15.02 -42.83 -27.74
C LEU C 320 13.54 -42.54 -27.52
N ALA C 321 12.72 -42.90 -28.50
CA ALA C 321 11.29 -42.65 -28.42
C ALA C 321 10.62 -43.61 -27.43
N GLY C 322 9.59 -43.10 -26.75
CA GLY C 322 8.75 -43.91 -25.87
C GLY C 322 9.42 -44.47 -24.64
N VAL C 323 10.47 -43.82 -24.15
CA VAL C 323 11.24 -44.31 -23.01
C VAL C 323 11.55 -43.13 -22.09
N ARG C 324 11.51 -43.39 -20.76
CA ARG C 324 11.96 -42.43 -19.77
C ARG C 324 13.48 -42.51 -19.59
N PRO C 325 14.14 -41.38 -19.32
CA PRO C 325 15.61 -41.37 -19.34
C PRO C 325 16.27 -42.06 -18.16
N TRP C 326 15.52 -42.39 -17.10
CA TRP C 326 16.12 -42.82 -15.84
C TRP C 326 17.01 -44.05 -16.03
N THR C 327 16.55 -45.02 -16.82
CA THR C 327 17.32 -46.23 -17.03
C THR C 327 18.40 -46.09 -18.10
N LYS C 328 18.33 -45.04 -18.93
CA LYS C 328 19.14 -44.97 -20.14
C LYS C 328 20.30 -43.99 -20.03
N VAL C 329 20.72 -43.65 -18.81
CA VAL C 329 21.77 -42.66 -18.62
C VAL C 329 22.97 -43.20 -17.85
N GLY C 330 22.96 -44.46 -17.44
CA GLY C 330 24.12 -44.99 -16.73
C GLY C 330 24.33 -44.32 -15.39
N GLN C 331 25.60 -44.20 -15.00
CA GLN C 331 25.97 -43.55 -13.75
C GLN C 331 25.48 -42.11 -13.74
N VAL C 332 24.70 -41.78 -12.71
CA VAL C 332 24.11 -40.45 -12.54
C VAL C 332 24.08 -40.14 -11.06
N ASP C 333 24.32 -38.87 -10.72
CA ASP C 333 24.39 -38.43 -9.32
C ASP C 333 23.07 -37.84 -8.84
N VAL C 334 22.44 -36.95 -9.63
CA VAL C 334 21.23 -36.24 -9.24
C VAL C 334 20.15 -36.53 -10.25
N ALA C 335 18.91 -36.65 -9.78
CA ALA C 335 17.75 -36.87 -10.65
C ALA C 335 16.71 -35.81 -10.35
N LEU C 336 16.27 -35.10 -11.40
CA LEU C 336 15.28 -34.02 -11.27
C LEU C 336 14.13 -34.27 -12.22
N PRO C 337 13.15 -35.09 -11.82
CA PRO C 337 11.94 -35.28 -12.65
C PRO C 337 11.12 -33.99 -12.70
N SER C 338 10.97 -33.44 -13.90
CA SER C 338 10.38 -32.11 -14.08
C SER C 338 9.36 -32.13 -15.22
N ALA C 339 8.59 -33.21 -15.34
CA ALA C 339 7.64 -33.34 -16.45
C ALA C 339 6.21 -33.46 -15.95
N THR C 340 5.86 -34.53 -15.24
CA THR C 340 4.49 -34.78 -14.81
C THR C 340 4.52 -35.63 -13.56
N GLN C 341 3.34 -35.91 -13.02
CA GLN C 341 3.22 -36.76 -11.85
C GLN C 341 3.36 -38.23 -12.22
N ASN C 342 3.87 -39.02 -11.27
CA ASN C 342 4.03 -40.47 -11.43
C ASN C 342 4.85 -40.79 -12.68
N GLU C 343 6.03 -40.19 -12.77
CA GLU C 343 6.95 -40.45 -13.87
C GLU C 343 8.22 -41.17 -13.41
N VAL C 344 8.23 -41.67 -12.17
CA VAL C 344 9.34 -42.47 -11.67
C VAL C 344 8.75 -43.67 -10.95
N SER C 345 8.79 -44.84 -11.58
CA SER C 345 8.29 -46.05 -10.94
C SER C 345 9.31 -46.59 -9.95
N GLY C 346 8.85 -47.52 -9.10
CA GLY C 346 9.77 -48.19 -8.19
C GLY C 346 10.89 -48.90 -8.92
N GLU C 347 10.56 -49.52 -10.06
CA GLU C 347 11.57 -50.08 -10.95
C GLU C 347 12.60 -49.03 -11.33
N GLU C 348 12.15 -47.88 -11.80
CA GLU C 348 13.06 -46.81 -12.20
C GLU C 348 13.79 -46.21 -11.00
N ALA C 349 13.15 -46.19 -9.84
CA ALA C 349 13.83 -45.73 -8.63
C ALA C 349 15.00 -46.64 -8.28
N LYS C 350 14.77 -47.95 -8.30
CA LYS C 350 15.86 -48.90 -8.06
C LYS C 350 16.94 -48.77 -9.13
N ALA C 351 16.54 -48.53 -10.38
CA ALA C 351 17.53 -48.29 -11.42
C ALA C 351 18.39 -47.07 -11.11
N LEU C 352 17.77 -45.98 -10.65
CA LEU C 352 18.53 -44.79 -10.28
C LEU C 352 19.47 -45.06 -9.11
N VAL C 353 18.97 -45.74 -8.07
CA VAL C 353 19.82 -46.08 -6.92
C VAL C 353 21.01 -46.91 -7.36
N ASP C 354 20.77 -47.93 -8.19
CA ASP C 354 21.86 -48.75 -8.71
C ASP C 354 22.81 -47.95 -9.57
N ALA C 355 22.33 -46.89 -10.21
CA ALA C 355 23.17 -46.01 -11.01
C ALA C 355 23.96 -45.02 -10.16
N GLY C 356 23.94 -45.15 -8.84
CA GLY C 356 24.71 -44.27 -7.98
C GLY C 356 24.04 -42.95 -7.69
N CYS C 357 22.73 -42.85 -7.90
CA CYS C 357 22.01 -41.62 -7.61
C CYS C 357 21.92 -41.41 -6.10
N LYS C 358 22.37 -40.25 -5.64
CA LYS C 358 22.36 -39.92 -4.23
C LYS C 358 21.47 -38.73 -3.90
N PHE C 359 20.88 -38.08 -4.90
CA PHE C 359 19.96 -36.97 -4.67
C PHE C 359 18.85 -37.02 -5.71
N ILE C 360 17.59 -36.97 -5.26
CA ILE C 360 16.44 -36.89 -6.13
C ILE C 360 15.50 -35.81 -5.58
N ALA C 361 15.09 -34.89 -6.44
CA ALA C 361 14.18 -33.82 -6.05
C ALA C 361 13.22 -33.53 -7.19
N GLU C 362 11.94 -33.36 -6.84
CA GLU C 362 10.88 -33.23 -7.84
C GLU C 362 10.74 -31.77 -8.27
N GLY C 363 10.94 -31.53 -9.57
CA GLY C 363 10.60 -30.26 -10.17
C GLY C 363 9.13 -30.23 -10.50
N SER C 364 8.62 -31.37 -10.99
CA SER C 364 7.20 -31.51 -11.25
C SER C 364 6.45 -31.82 -9.96
N ASN C 365 5.14 -31.60 -10.00
CA ASN C 365 4.28 -31.88 -8.86
C ASN C 365 4.09 -33.39 -8.70
N MET C 366 4.58 -33.95 -7.60
CA MET C 366 4.42 -35.37 -7.28
C MET C 366 4.95 -36.25 -8.40
N GLY C 367 6.19 -36.00 -8.81
CA GLY C 367 6.77 -36.72 -9.93
C GLY C 367 7.06 -38.18 -9.64
N SER C 368 7.27 -38.53 -8.38
CA SER C 368 7.68 -39.88 -8.01
C SER C 368 6.48 -40.67 -7.52
N THR C 369 6.35 -41.91 -7.99
CA THR C 369 5.29 -42.79 -7.52
C THR C 369 5.53 -43.19 -6.07
N LYS C 370 4.49 -43.77 -5.47
CA LYS C 370 4.59 -44.25 -4.10
C LYS C 370 5.72 -45.26 -3.95
N GLU C 371 5.85 -46.15 -4.93
CA GLU C 371 6.90 -47.17 -4.89
C GLU C 371 8.29 -46.56 -5.01
N ALA C 372 8.45 -45.58 -5.89
CA ALA C 372 9.74 -44.89 -6.02
C ALA C 372 10.16 -44.23 -4.72
N ILE C 373 9.21 -43.59 -4.04
CA ILE C 373 9.52 -42.92 -2.78
C ILE C 373 9.87 -43.95 -1.71
N GLU C 374 9.13 -45.07 -1.69
CA GLU C 374 9.48 -46.16 -0.77
C GLU C 374 10.91 -46.66 -1.02
N VAL C 375 11.28 -46.83 -2.29
CA VAL C 375 12.63 -47.26 -2.63
C VAL C 375 13.66 -46.25 -2.12
N PHE C 376 13.46 -44.98 -2.47
CA PHE C 376 14.42 -43.95 -2.06
C PHE C 376 14.58 -43.89 -0.55
N GLU C 377 13.47 -43.91 0.18
CA GLU C 377 13.53 -43.80 1.63
C GLU C 377 14.13 -45.04 2.28
N ALA C 378 13.88 -46.22 1.70
CA ALA C 378 14.44 -47.45 2.26
C ALA C 378 15.97 -47.44 2.21
N ASN C 379 16.53 -46.92 1.12
CA ASN C 379 17.97 -46.85 0.94
C ASN C 379 18.57 -45.55 1.47
N ARG C 380 17.82 -44.78 2.25
CA ARG C 380 18.34 -43.48 2.72
C ARG C 380 19.45 -43.68 3.75
N ASP C 381 19.16 -44.39 4.84
CA ASP C 381 20.16 -44.57 5.89
C ASP C 381 21.30 -45.49 5.48
N SER C 382 21.05 -46.38 4.53
CA SER C 382 22.06 -47.37 4.12
C SER C 382 22.91 -46.86 2.96
N ASN C 383 22.28 -46.49 1.84
CA ASN C 383 22.99 -46.08 0.65
C ASN C 383 23.15 -44.58 0.51
N GLY C 384 22.63 -43.80 1.46
CA GLY C 384 22.74 -42.35 1.41
C GLY C 384 22.00 -41.68 0.27
N VAL C 385 20.93 -42.28 -0.24
CA VAL C 385 20.14 -41.69 -1.32
C VAL C 385 19.04 -40.82 -0.71
N TRP C 386 19.05 -39.54 -1.07
CA TRP C 386 18.20 -38.54 -0.40
C TRP C 386 17.12 -38.08 -1.38
N TYR C 387 15.86 -38.24 -0.97
CA TYR C 387 14.71 -37.83 -1.77
C TYR C 387 14.02 -36.64 -1.14
N ALA C 388 13.66 -35.66 -1.98
CA ALA C 388 12.94 -34.47 -1.58
C ALA C 388 11.65 -34.34 -2.37
N PRO C 389 10.49 -34.20 -1.72
CA PRO C 389 9.24 -34.14 -2.47
C PRO C 389 9.07 -32.80 -3.18
N GLY C 390 8.17 -32.81 -4.18
CA GLY C 390 7.96 -31.62 -4.98
C GLY C 390 7.52 -30.41 -4.16
N LYS C 391 6.64 -30.63 -3.17
CA LYS C 391 6.08 -29.53 -2.41
C LYS C 391 7.14 -28.66 -1.73
N ALA C 392 8.36 -29.18 -1.57
CA ALA C 392 9.46 -28.39 -1.04
C ALA C 392 10.42 -27.90 -2.13
N ALA C 393 10.72 -28.75 -3.12
CA ALA C 393 11.73 -28.40 -4.11
C ALA C 393 11.21 -27.39 -5.14
N ASN C 394 9.99 -27.59 -5.65
CA ASN C 394 9.48 -26.76 -6.73
C ASN C 394 8.66 -25.57 -6.25
N CYS C 395 8.73 -25.22 -4.97
CA CYS C 395 7.99 -24.08 -4.46
C CYS C 395 8.61 -22.75 -4.87
N GLY C 396 9.72 -22.76 -5.62
CA GLY C 396 10.37 -21.52 -6.01
C GLY C 396 9.48 -20.60 -6.82
N GLY C 397 8.73 -21.17 -7.77
CA GLY C 397 7.86 -20.34 -8.60
C GLY C 397 6.82 -19.59 -7.79
N VAL C 398 6.09 -20.32 -6.95
CA VAL C 398 5.06 -19.68 -6.14
C VAL C 398 5.68 -18.76 -5.09
N ALA C 399 6.89 -19.06 -4.64
CA ALA C 399 7.57 -18.15 -3.71
C ALA C 399 7.89 -16.82 -4.39
N VAL C 400 8.42 -16.88 -5.61
CA VAL C 400 8.72 -15.64 -6.34
C VAL C 400 7.44 -14.88 -6.65
N SER C 401 6.36 -15.59 -6.99
CA SER C 401 5.08 -14.94 -7.20
C SER C 401 4.59 -14.25 -5.93
N GLY C 402 4.84 -14.86 -4.78
CA GLY C 402 4.48 -14.23 -3.52
C GLY C 402 5.30 -12.99 -3.25
N LEU C 403 6.58 -13.01 -3.63
CA LEU C 403 7.40 -11.81 -3.49
C LEU C 403 6.95 -10.70 -4.43
N GLU C 404 6.41 -11.05 -5.60
CA GLU C 404 5.81 -10.06 -6.49
C GLU C 404 4.51 -9.53 -5.87
N THR C 415 15.06 -5.86 -8.95
CA THR C 415 15.97 -6.26 -10.01
C THR C 415 16.09 -7.78 -10.10
N ASN C 416 16.71 -8.26 -11.17
CA ASN C 416 16.92 -9.69 -11.32
C ASN C 416 17.78 -10.25 -10.19
N GLU C 417 18.84 -9.53 -9.81
CA GLU C 417 19.73 -10.02 -8.76
C GLU C 417 19.01 -10.12 -7.42
N GLU C 418 18.23 -9.10 -7.06
CA GLU C 418 17.51 -9.13 -5.78
C GLU C 418 16.52 -10.28 -5.73
N VAL C 419 15.76 -10.47 -6.80
CA VAL C 419 14.78 -11.55 -6.84
C VAL C 419 15.47 -12.91 -6.78
N ASP C 420 16.55 -13.08 -7.54
CA ASP C 420 17.28 -14.34 -7.51
C ASP C 420 17.84 -14.62 -6.13
N ALA C 421 18.37 -13.60 -5.46
CA ALA C 421 18.92 -13.78 -4.11
C ALA C 421 17.83 -14.13 -3.11
N LYS C 422 16.69 -13.45 -3.18
CA LYS C 422 15.62 -13.74 -2.24
C LYS C 422 15.04 -15.13 -2.47
N LEU C 423 14.94 -15.57 -3.72
CA LEU C 423 14.52 -16.93 -4.00
C LEU C 423 15.52 -17.95 -3.48
N LYS C 424 16.81 -17.67 -3.69
CA LYS C 424 17.88 -18.52 -3.15
C LYS C 424 17.73 -18.69 -1.65
N GLU C 425 17.56 -17.57 -0.94
CA GLU C 425 17.42 -17.63 0.51
C GLU C 425 16.16 -18.37 0.92
N ILE C 426 15.06 -18.17 0.18
CA ILE C 426 13.80 -18.83 0.52
C ILE C 426 13.95 -20.35 0.38
N MET C 427 14.60 -20.81 -0.70
CA MET C 427 14.82 -22.23 -0.87
C MET C 427 15.77 -22.79 0.20
N TYR C 428 16.79 -22.00 0.57
CA TYR C 428 17.70 -22.45 1.61
C TYR C 428 16.97 -22.59 2.95
N THR C 429 16.13 -21.62 3.28
CA THR C 429 15.32 -21.69 4.49
C THR C 429 14.37 -22.87 4.44
N CYS C 430 13.80 -23.15 3.26
CA CYS C 430 12.92 -24.30 3.11
C CYS C 430 13.66 -25.60 3.38
N PHE C 431 14.88 -25.73 2.86
CA PHE C 431 15.67 -26.93 3.12
C PHE C 431 15.98 -27.08 4.60
N GLU C 432 16.45 -26.00 5.24
CA GLU C 432 16.73 -26.05 6.67
C GLU C 432 15.49 -26.43 7.46
N ASN C 433 14.33 -25.93 7.03
CA ASN C 433 13.08 -26.24 7.72
C ASN C 433 12.76 -27.72 7.60
N CYS C 434 12.84 -28.26 6.38
CA CYS C 434 12.59 -29.69 6.19
C CYS C 434 13.54 -30.53 7.03
N TYR C 435 14.83 -30.17 7.01
CA TYR C 435 15.85 -30.93 7.73
C TYR C 435 15.59 -30.93 9.23
N LYS C 436 15.53 -29.74 9.84
CA LYS C 436 15.35 -29.64 11.29
C LYS C 436 14.02 -30.24 11.72
N THR C 437 12.97 -30.07 10.91
CA THR C 437 11.68 -30.61 11.30
C THR C 437 11.69 -32.14 11.26
N ALA C 438 12.31 -32.72 10.23
CA ALA C 438 12.46 -34.17 10.18
C ALA C 438 13.26 -34.68 11.38
N GLN C 439 14.32 -33.96 11.76
CA GLN C 439 15.11 -34.38 12.92
C GLN C 439 14.28 -34.34 14.20
N LYS C 440 13.55 -33.25 14.41
CA LYS C 440 12.80 -33.06 15.64
C LYS C 440 11.78 -34.17 15.88
N TYR C 441 11.17 -34.70 14.82
CA TYR C 441 10.10 -35.69 14.95
C TYR C 441 10.49 -37.07 14.39
N SER C 442 11.78 -37.36 14.30
CA SER C 442 12.23 -38.64 13.76
C SER C 442 11.92 -39.79 14.72
N ILE C 443 11.21 -40.81 14.23
CA ILE C 443 10.92 -41.98 15.05
C ILE C 443 12.17 -42.78 15.35
N GLU C 444 12.98 -43.06 14.33
CA GLU C 444 14.18 -43.87 14.50
C GLU C 444 15.28 -43.07 15.19
N LEU C 450 21.11 -39.83 7.69
CA LEU C 450 20.39 -38.75 7.02
C LEU C 450 18.90 -38.74 7.40
N PRO C 451 18.37 -37.56 7.68
CA PRO C 451 16.93 -37.45 7.96
C PRO C 451 16.11 -37.44 6.69
N SER C 452 14.84 -37.83 6.84
CA SER C 452 13.93 -37.95 5.71
C SER C 452 13.43 -36.57 5.31
N LEU C 453 13.80 -36.10 4.11
CA LEU C 453 13.31 -34.82 3.66
C LEU C 453 11.83 -34.86 3.27
N LEU C 454 11.35 -36.03 2.85
CA LEU C 454 9.91 -36.20 2.60
C LEU C 454 9.11 -35.88 3.84
N LYS C 455 9.33 -36.64 4.91
CA LYS C 455 8.65 -36.41 6.17
C LYS C 455 8.93 -35.00 6.69
N GLY C 456 10.15 -34.51 6.52
CA GLY C 456 10.50 -33.16 6.94
C GLY C 456 9.60 -32.12 6.31
N ALA C 457 9.53 -32.10 4.98
CA ALA C 457 8.71 -31.12 4.28
C ALA C 457 7.24 -31.27 4.62
N ASN C 458 6.73 -32.51 4.60
CA ASN C 458 5.33 -32.75 4.88
C ASN C 458 4.96 -32.25 6.28
N ILE C 459 5.75 -32.61 7.28
CA ILE C 459 5.45 -32.24 8.64
C ILE C 459 5.60 -30.73 8.83
N ALA C 460 6.57 -30.11 8.16
CA ALA C 460 6.76 -28.67 8.31
C ALA C 460 5.56 -27.90 7.76
N GLY C 461 5.18 -28.19 6.52
CA GLY C 461 3.99 -27.55 5.96
C GLY C 461 2.75 -27.80 6.78
N PHE C 462 2.53 -29.07 7.16
CA PHE C 462 1.38 -29.41 7.98
C PHE C 462 1.36 -28.62 9.28
N ILE C 463 2.51 -28.51 9.95
CA ILE C 463 2.56 -27.84 11.24
C ILE C 463 2.25 -26.35 11.07
N LYS C 464 2.83 -25.71 10.07
CA LYS C 464 2.54 -24.28 9.90
C LYS C 464 1.06 -24.05 9.61
N VAL C 465 0.50 -24.81 8.67
CA VAL C 465 -0.91 -24.68 8.34
C VAL C 465 -1.78 -24.98 9.56
N ALA C 466 -1.44 -26.02 10.32
CA ALA C 466 -2.26 -26.45 11.44
C ALA C 466 -2.20 -25.46 12.60
N ASP C 467 -1.03 -24.88 12.86
CA ASP C 467 -0.94 -23.84 13.87
C ASP C 467 -1.82 -22.65 13.48
N ALA C 468 -1.77 -22.26 12.21
CA ALA C 468 -2.67 -21.21 11.75
C ALA C 468 -4.14 -21.59 11.99
N MET C 469 -4.52 -22.82 11.61
CA MET C 469 -5.93 -23.21 11.70
C MET C 469 -6.40 -23.27 13.14
N PHE C 470 -5.54 -23.71 14.06
CA PHE C 470 -5.92 -23.72 15.46
C PHE C 470 -6.06 -22.30 15.97
N ASP C 471 -5.09 -21.43 15.66
CA ASP C 471 -5.16 -20.04 16.13
C ASP C 471 -6.47 -19.38 15.70
N GLN C 472 -6.93 -19.68 14.49
CA GLN C 472 -8.12 -19.03 13.95
C GLN C 472 -9.41 -19.78 14.28
N GLY C 473 -9.33 -20.85 15.08
CA GLY C 473 -10.52 -21.58 15.45
C GLY C 473 -11.14 -22.40 14.35
N ASP C 474 -10.44 -22.57 13.24
CA ASP C 474 -10.92 -23.43 12.17
C ASP C 474 -10.77 -24.91 12.50
N VAL C 475 -9.97 -25.26 13.50
CA VAL C 475 -9.86 -26.61 14.03
C VAL C 475 -9.81 -26.53 15.55
N PHE C 476 -10.45 -27.48 16.23
CA PHE C 476 -10.49 -27.49 17.69
C PHE C 476 -10.78 -28.89 18.22
#